data_6E23
#
_entry.id   6E23
#
_cell.length_a   46.888
_cell.length_b   54.215
_cell.length_c   64.517
_cell.angle_alpha   70.19
_cell.angle_beta   88.80
_cell.angle_gamma   74.41
#
_symmetry.space_group_name_H-M   'P 1'
#
loop_
_entity.id
_entity.type
_entity.pdbx_description
1 polymer 'WD repeat-containing protein 5'
2 non-polymer N-[(3,4-dichlorophenyl)methyl]-3-(6-fluoro-2-methylpyridin-3-yl)-5-{[(2E)-2-imino-3-methyl-2,3-dihydro-1H-imidazol-1-yl]methyl}benzamide
3 non-polymer '4-(2-HYDROXYETHYL)-1-PIPERAZINE ETHANESULFONIC ACID'
4 water water
#
_entity_poly.entity_id   1
_entity_poly.type   'polypeptide(L)'
_entity_poly.pdbx_seq_one_letter_code
;SATQSKPTPVKPNYALKFTLAGHTKAVSSVKFSPNGEWLASSSADKLIKIWGAYDGKFEKTISGHKLGISDVAWSSDSNL
LVSASDDKTLKIWDVSSGKCLKTLKGHSNYVFCCNFNPQSNLIVSGSFDESVRIWDVKTGKCLKTLPAHSDPVSAVHFNR
DGSLIVSSSYDGLCRIWDTASGQCLKTLIDDDNPPVSFVKFSPNGKYILAATLDNTLKLWDYSKGKCLKTYTGHKNEKYC
IFANFSVTGGKWIVSGSEDNLVYIWNLQTKEIVQKLQGHTDVVISTACHPTENIIASAALENDKTIKLWKSDC
;
_entity_poly.pdbx_strand_id   A,B
#
loop_
_chem_comp.id
_chem_comp.type
_chem_comp.name
_chem_comp.formula
EPE non-polymer '4-(2-HYDROXYETHYL)-1-PIPERAZINE ETHANESULFONIC ACID' 'C8 H18 N2 O4 S'
HLJ non-polymer N-[(3,4-dichlorophenyl)methyl]-3-(6-fluoro-2-methylpyridin-3-yl)-5-{[(2E)-2-imino-3-methyl-2,3-dihydro-1H-imidazol-1-yl]methyl}benzamide 'C25 H22 Cl2 F N5 O'
#
# COMPACT_ATOMS: atom_id res chain seq x y z
N LYS A 11 13.68 -30.70 -21.22
CA LYS A 11 12.94 -29.53 -20.78
C LYS A 11 11.64 -29.90 -20.08
N PRO A 12 11.25 -29.16 -19.04
CA PRO A 12 9.98 -29.40 -18.39
C PRO A 12 8.83 -28.85 -19.25
N ASN A 13 7.61 -29.24 -18.88
CA ASN A 13 6.43 -28.80 -19.63
C ASN A 13 5.32 -28.41 -18.65
N TYR A 14 5.67 -27.61 -17.66
CA TYR A 14 4.70 -27.11 -16.69
C TYR A 14 3.52 -26.44 -17.40
N ALA A 15 2.32 -26.84 -17.00
CA ALA A 15 1.07 -26.33 -17.55
C ALA A 15 0.15 -25.96 -16.40
N LEU A 16 -0.67 -24.93 -16.61
CA LEU A 16 -1.52 -24.44 -15.54
C LEU A 16 -2.58 -25.49 -15.18
N LYS A 17 -2.65 -25.85 -13.91
CA LYS A 17 -3.69 -26.74 -13.42
C LYS A 17 -4.75 -26.04 -12.60
N PHE A 18 -4.40 -25.07 -11.75
CA PHE A 18 -5.37 -24.42 -10.89
C PHE A 18 -4.98 -22.98 -10.67
N THR A 19 -5.98 -22.11 -10.59
CA THR A 19 -5.80 -20.75 -10.08
C THR A 19 -6.56 -20.62 -8.77
N LEU A 20 -5.85 -20.22 -7.72
CA LEU A 20 -6.38 -20.17 -6.35
C LEU A 20 -6.64 -18.71 -5.99
N ALA A 21 -7.91 -18.33 -5.91
CA ALA A 21 -8.31 -16.97 -5.61
C ALA A 21 -8.89 -16.90 -4.20
N GLY A 22 -8.71 -15.75 -3.56
CA GLY A 22 -9.25 -15.58 -2.24
C GLY A 22 -8.62 -14.44 -1.48
N HIS A 23 -7.30 -14.28 -1.61
CA HIS A 23 -6.64 -13.13 -0.99
C HIS A 23 -7.13 -11.83 -1.63
N THR A 24 -7.21 -10.79 -0.82
CA THR A 24 -7.76 -9.53 -1.28
C THR A 24 -6.71 -8.45 -1.42
N LYS A 25 -5.46 -8.77 -1.10
CA LYS A 25 -4.29 -7.96 -1.40
C LYS A 25 -3.21 -8.88 -1.94
N ALA A 26 -2.04 -8.29 -2.21
CA ALA A 26 -0.89 -9.03 -2.72
C ALA A 26 -0.63 -10.31 -1.94
N VAL A 27 -0.29 -11.38 -2.64
CA VAL A 27 0.18 -12.60 -1.99
C VAL A 27 1.68 -12.43 -1.77
N SER A 28 2.13 -12.68 -0.56
CA SER A 28 3.53 -12.45 -0.20
C SER A 28 4.42 -13.70 -0.27
N SER A 29 3.87 -14.90 -0.09
CA SER A 29 4.71 -16.10 -0.02
C SER A 29 3.80 -17.30 -0.14
N VAL A 30 4.27 -18.34 -0.85
CA VAL A 30 3.65 -19.65 -0.82
C VAL A 30 4.69 -20.70 -0.47
N LYS A 31 4.27 -21.72 0.28
CA LYS A 31 5.12 -22.81 0.75
C LYS A 31 4.30 -24.09 0.80
N PHE A 32 4.83 -25.16 0.21
CA PHE A 32 4.24 -26.49 0.38
C PHE A 32 4.64 -27.09 1.73
N SER A 33 3.69 -27.77 2.37
CA SER A 33 4.04 -28.50 3.58
C SER A 33 5.03 -29.62 3.25
N PRO A 34 5.88 -29.99 4.23
CA PRO A 34 6.89 -31.02 3.94
C PRO A 34 6.28 -32.37 3.56
N ASN A 35 5.10 -32.69 4.06
CA ASN A 35 4.46 -33.93 3.65
C ASN A 35 3.73 -33.79 2.32
N GLY A 36 3.80 -32.62 1.68
CA GLY A 36 3.25 -32.46 0.35
C GLY A 36 1.76 -32.22 0.27
N GLU A 37 1.04 -32.29 1.38
CA GLU A 37 -0.42 -32.32 1.34
C GLU A 37 -1.03 -30.93 1.18
N TRP A 38 -0.35 -29.90 1.68
CA TRP A 38 -0.91 -28.57 1.76
C TRP A 38 -0.04 -27.54 1.05
N LEU A 39 -0.68 -26.48 0.57
CA LEU A 39 0.01 -25.24 0.23
C LEU A 39 -0.47 -24.17 1.21
N ALA A 40 0.46 -23.47 1.82
CA ALA A 40 0.14 -22.32 2.66
C ALA A 40 0.51 -21.04 1.91
N SER A 41 -0.33 -20.02 2.04
CA SER A 41 -0.08 -18.73 1.41
C SER A 41 -0.24 -17.62 2.44
N SER A 42 0.65 -16.64 2.38
CA SER A 42 0.51 -15.45 3.20
C SER A 42 0.22 -14.25 2.32
N SER A 43 -0.29 -13.19 2.93
CA SER A 43 -0.74 -12.07 2.12
C SER A 43 -0.68 -10.75 2.90
N ALA A 44 -0.60 -9.66 2.13
CA ALA A 44 -0.73 -8.32 2.70
C ALA A 44 -2.11 -8.11 3.33
N ASP A 45 -3.07 -8.98 3.02
CA ASP A 45 -4.41 -8.87 3.59
C ASP A 45 -4.47 -9.41 5.03
N LYS A 46 -3.33 -9.68 5.66
CA LYS A 46 -3.16 -10.10 7.07
C LYS A 46 -3.52 -11.56 7.31
N LEU A 47 -3.76 -12.35 6.27
CA LEU A 47 -4.25 -13.72 6.42
C LEU A 47 -3.28 -14.73 5.86
N ILE A 48 -3.30 -15.92 6.46
CA ILE A 48 -2.77 -17.14 5.89
C ILE A 48 -3.94 -17.95 5.36
N LYS A 49 -3.78 -18.50 4.18
CA LYS A 49 -4.74 -19.44 3.64
C LYS A 49 -4.06 -20.79 3.40
N ILE A 50 -4.81 -21.88 3.63
CA ILE A 50 -4.32 -23.25 3.46
C ILE A 50 -5.11 -23.87 2.33
N TRP A 51 -4.41 -24.50 1.38
CA TRP A 51 -5.03 -25.04 0.18
C TRP A 51 -4.54 -26.47 -0.05
N GLY A 52 -5.42 -27.30 -0.61
CA GLY A 52 -5.01 -28.62 -1.01
C GLY A 52 -3.97 -28.57 -2.11
N ALA A 53 -2.84 -29.26 -1.92
CA ALA A 53 -1.73 -29.14 -2.87
C ALA A 53 -2.05 -29.77 -4.23
N TYR A 54 -2.93 -30.76 -4.26
CA TYR A 54 -3.15 -31.55 -5.47
C TYR A 54 -4.48 -31.26 -6.16
N ASP A 55 -5.51 -30.84 -5.41
CA ASP A 55 -6.78 -30.44 -5.99
C ASP A 55 -7.03 -28.94 -5.92
N GLY A 56 -6.10 -28.16 -5.36
CA GLY A 56 -6.28 -26.73 -5.24
C GLY A 56 -7.36 -26.28 -4.29
N LYS A 57 -7.95 -27.17 -3.51
CA LYS A 57 -9.17 -26.84 -2.78
C LYS A 57 -8.86 -25.98 -1.56
N PHE A 58 -9.55 -24.85 -1.45
CA PHE A 58 -9.41 -24.02 -0.26
C PHE A 58 -9.79 -24.81 0.98
N GLU A 59 -8.92 -24.75 1.99
CA GLU A 59 -9.13 -25.47 3.23
C GLU A 59 -9.54 -24.56 4.38
N LYS A 60 -8.74 -23.53 4.70
CA LYS A 60 -9.10 -22.66 5.80
C LYS A 60 -8.32 -21.36 5.70
N THR A 61 -8.82 -20.34 6.41
CA THR A 61 -8.12 -19.09 6.62
C THR A 61 -7.65 -19.03 8.06
N ILE A 62 -6.41 -18.57 8.27
CA ILE A 62 -5.82 -18.43 9.58
C ILE A 62 -5.54 -16.94 9.81
N SER A 63 -6.08 -16.38 10.89
CA SER A 63 -6.06 -14.95 11.10
C SER A 63 -5.61 -14.59 12.51
N GLY A 64 -5.08 -13.37 12.65
CA GLY A 64 -4.65 -12.92 13.94
C GLY A 64 -3.65 -11.78 13.89
N HIS A 65 -2.87 -11.70 12.81
CA HIS A 65 -1.91 -10.62 12.68
C HIS A 65 -2.64 -9.29 12.50
N LYS A 66 -2.01 -8.22 12.97
CA LYS A 66 -2.65 -6.90 12.91
C LYS A 66 -2.31 -6.13 11.65
N LEU A 67 -1.26 -6.56 10.93
CA LEU A 67 -0.85 -5.95 9.67
C LEU A 67 -0.48 -7.07 8.70
N GLY A 68 -0.09 -6.68 7.49
CA GLY A 68 0.25 -7.65 6.46
C GLY A 68 1.28 -8.69 6.83
N ILE A 69 1.18 -9.88 6.25
CA ILE A 69 2.13 -10.95 6.50
C ILE A 69 3.12 -11.01 5.34
N SER A 70 4.41 -11.05 5.64
CA SER A 70 5.43 -11.14 4.60
C SER A 70 5.79 -12.57 4.23
N ASP A 71 5.73 -13.50 5.18
CA ASP A 71 6.33 -14.81 4.97
C ASP A 71 5.63 -15.81 5.87
N VAL A 72 5.65 -17.07 5.44
CA VAL A 72 5.18 -18.19 6.22
C VAL A 72 6.12 -19.37 5.98
N ALA A 73 6.21 -20.25 6.97
CA ALA A 73 7.06 -21.42 6.84
C ALA A 73 6.50 -22.56 7.68
N TRP A 74 6.73 -23.79 7.23
CA TRP A 74 6.21 -25.00 7.88
C TRP A 74 7.24 -25.67 8.79
N SER A 75 6.74 -26.27 9.89
CA SER A 75 7.55 -27.19 10.69
C SER A 75 7.71 -28.52 9.94
N SER A 76 8.71 -29.30 10.36
CA SER A 76 9.08 -30.52 9.64
C SER A 76 7.96 -31.54 9.61
N ASP A 77 7.14 -31.60 10.67
CA ASP A 77 6.05 -32.57 10.75
C ASP A 77 4.75 -32.04 10.14
N SER A 78 4.79 -30.84 9.54
CA SER A 78 3.68 -30.26 8.80
C SER A 78 2.52 -29.86 9.70
N ASN A 79 2.74 -29.80 11.01
CA ASN A 79 1.69 -29.45 11.96
C ASN A 79 1.67 -27.97 12.36
N LEU A 80 2.80 -27.29 12.29
CA LEU A 80 2.89 -25.89 12.69
C LEU A 80 3.26 -25.01 11.52
N LEU A 81 2.85 -23.75 11.62
CA LEU A 81 3.30 -22.69 10.73
C LEU A 81 3.87 -21.58 11.57
N VAL A 82 4.85 -20.88 11.02
CA VAL A 82 5.26 -19.59 11.57
C VAL A 82 5.07 -18.53 10.49
N SER A 83 4.56 -17.36 10.89
CA SER A 83 4.35 -16.24 9.98
C SER A 83 5.15 -15.04 10.47
N ALA A 84 5.61 -14.22 9.53
CA ALA A 84 6.34 -12.98 9.82
C ALA A 84 5.52 -11.80 9.33
N SER A 85 5.40 -10.74 10.13
CA SER A 85 4.39 -9.72 9.85
C SER A 85 4.94 -8.33 10.04
N ASP A 86 4.30 -7.39 9.33
CA ASP A 86 4.59 -5.96 9.46
C ASP A 86 4.21 -5.43 10.85
N ASP A 87 3.44 -6.19 11.64
CA ASP A 87 3.15 -5.79 13.02
C ASP A 87 4.33 -6.03 13.95
N LYS A 88 5.50 -6.40 13.39
CA LYS A 88 6.78 -6.54 14.07
C LYS A 88 6.88 -7.83 14.88
N THR A 89 5.92 -8.73 14.75
CA THR A 89 5.94 -10.03 15.42
C THR A 89 5.99 -11.17 14.41
N LEU A 90 6.35 -12.33 14.93
CA LEU A 90 6.03 -13.59 14.29
C LEU A 90 4.97 -14.28 15.11
N LYS A 91 4.22 -15.19 14.48
CA LYS A 91 3.25 -15.99 15.20
C LYS A 91 3.46 -17.45 14.83
N ILE A 92 3.35 -18.31 15.83
CA ILE A 92 3.36 -19.76 15.63
C ILE A 92 1.93 -20.28 15.68
N TRP A 93 1.54 -21.04 14.66
CA TRP A 93 0.18 -21.50 14.48
C TRP A 93 0.10 -23.02 14.51
N ASP A 94 -0.91 -23.54 15.18
CA ASP A 94 -1.35 -24.92 14.97
C ASP A 94 -2.26 -24.95 13.75
N VAL A 95 -1.80 -25.62 12.69
CA VAL A 95 -2.52 -25.59 11.42
C VAL A 95 -3.88 -26.29 11.53
N SER A 96 -3.94 -27.38 12.30
CA SER A 96 -5.19 -28.14 12.35
C SER A 96 -6.27 -27.40 13.14
N SER A 97 -5.89 -26.61 14.15
CA SER A 97 -6.86 -25.82 14.90
C SER A 97 -6.93 -24.37 14.44
N GLY A 98 -5.96 -23.90 13.66
CA GLY A 98 -5.88 -22.51 13.25
C GLY A 98 -5.50 -21.55 14.35
N LYS A 99 -5.19 -22.03 15.55
CA LYS A 99 -4.98 -21.17 16.69
C LYS A 99 -3.53 -20.73 16.80
N CYS A 100 -3.34 -19.49 17.22
CA CYS A 100 -2.02 -18.94 17.50
C CYS A 100 -1.50 -19.52 18.81
N LEU A 101 -0.36 -20.22 18.74
CA LEU A 101 0.25 -20.80 19.94
C LEU A 101 1.15 -19.81 20.66
N LYS A 102 1.96 -19.07 19.91
CA LYS A 102 2.89 -18.10 20.45
C LYS A 102 2.96 -16.90 19.54
N THR A 103 3.22 -15.74 20.14
CA THR A 103 3.57 -14.53 19.42
C THR A 103 5.01 -14.19 19.80
N LEU A 104 5.88 -14.12 18.81
CA LEU A 104 7.30 -13.85 19.03
C LEU A 104 7.55 -12.36 18.92
N LYS A 105 7.90 -11.72 20.03
CA LYS A 105 8.05 -10.28 20.10
C LYS A 105 9.52 -9.94 20.37
N GLY A 106 10.01 -8.89 19.73
CA GLY A 106 11.41 -8.55 19.89
C GLY A 106 11.97 -7.65 18.79
N HIS A 107 11.63 -7.95 17.53
CA HIS A 107 12.07 -7.08 16.43
C HIS A 107 11.47 -5.68 16.61
N SER A 108 12.25 -4.67 16.20
CA SER A 108 11.82 -3.28 16.32
C SER A 108 11.32 -2.72 14.99
N ASN A 109 11.11 -3.57 13.98
CA ASN A 109 10.58 -3.14 12.69
C ASN A 109 9.91 -4.36 12.06
N TYR A 110 9.35 -4.17 10.86
CA TYR A 110 8.69 -5.27 10.14
C TYR A 110 9.54 -6.53 10.14
N VAL A 111 8.91 -7.69 10.35
CA VAL A 111 9.58 -8.97 10.18
C VAL A 111 9.36 -9.41 8.75
N PHE A 112 10.43 -9.69 8.03
CA PHE A 112 10.31 -9.94 6.59
C PHE A 112 10.36 -11.41 6.23
N CYS A 113 11.18 -12.20 6.90
CA CYS A 113 11.42 -13.58 6.46
C CYS A 113 11.54 -14.50 7.67
N CYS A 114 11.19 -15.78 7.48
CA CYS A 114 11.22 -16.70 8.60
C CYS A 114 11.36 -18.12 8.10
N ASN A 115 11.84 -18.99 8.98
CA ASN A 115 11.99 -20.42 8.69
C ASN A 115 12.19 -21.21 9.97
N PHE A 116 11.73 -22.47 9.96
CA PHE A 116 12.03 -23.45 10.98
C PHE A 116 13.33 -24.16 10.63
N ASN A 117 14.04 -24.64 11.65
CA ASN A 117 15.14 -25.56 11.39
C ASN A 117 14.61 -26.98 11.18
N PRO A 118 15.44 -27.90 10.67
CA PRO A 118 14.92 -29.26 10.41
C PRO A 118 14.33 -29.94 11.63
N GLN A 119 14.94 -29.80 12.80
CA GLN A 119 14.35 -30.33 14.02
C GLN A 119 13.05 -29.62 14.38
N SER A 120 12.93 -28.35 13.99
CA SER A 120 11.76 -27.50 14.20
C SER A 120 11.56 -27.13 15.67
N ASN A 121 12.63 -27.19 16.47
CA ASN A 121 12.60 -26.58 17.78
C ASN A 121 13.02 -25.11 17.74
N LEU A 122 13.53 -24.63 16.61
CA LEU A 122 13.99 -23.26 16.44
C LEU A 122 13.28 -22.59 15.27
N ILE A 123 13.11 -21.28 15.37
CA ILE A 123 12.71 -20.44 14.25
C ILE A 123 13.77 -19.38 14.06
N VAL A 124 14.14 -19.12 12.80
CA VAL A 124 15.02 -17.99 12.46
C VAL A 124 14.19 -16.94 11.73
N SER A 125 14.47 -15.66 12.02
CA SER A 125 13.73 -14.56 11.42
C SER A 125 14.70 -13.46 10.99
N GLY A 126 14.32 -12.75 9.91
CA GLY A 126 15.04 -11.56 9.50
C GLY A 126 14.11 -10.37 9.39
N SER A 127 14.64 -9.18 9.66
CA SER A 127 13.78 -8.02 9.84
C SER A 127 14.36 -6.79 9.14
N PHE A 128 13.47 -5.83 8.88
CA PHE A 128 13.89 -4.49 8.49
C PHE A 128 14.74 -3.82 9.56
N ASP A 129 14.72 -4.31 10.80
CA ASP A 129 15.58 -3.75 11.84
C ASP A 129 17.03 -4.19 11.70
N GLU A 130 17.35 -4.93 10.64
CA GLU A 130 18.70 -5.31 10.19
C GLU A 130 19.24 -6.47 11.02
N SER A 131 18.42 -7.07 11.89
CA SER A 131 18.85 -8.16 12.75
C SER A 131 18.26 -9.49 12.28
N VAL A 132 18.93 -10.56 12.70
CA VAL A 132 18.43 -11.92 12.61
C VAL A 132 18.23 -12.42 14.03
N ARG A 133 17.09 -13.07 14.28
N ARG A 133 17.07 -13.02 14.28
CA ARG A 133 16.76 -13.55 15.61
CA ARG A 133 16.79 -13.57 15.60
C ARG A 133 16.42 -15.04 15.57
C ARG A 133 16.63 -15.08 15.47
N ILE A 134 16.90 -15.78 16.58
CA ILE A 134 16.68 -17.21 16.69
C ILE A 134 15.78 -17.44 17.89
N TRP A 135 14.64 -18.09 17.67
CA TRP A 135 13.59 -18.20 18.67
C TRP A 135 13.42 -19.64 19.10
N ASP A 136 13.02 -19.84 20.35
CA ASP A 136 12.63 -21.15 20.84
C ASP A 136 11.15 -21.38 20.56
N VAL A 137 10.85 -22.44 19.81
CA VAL A 137 9.46 -22.72 19.43
C VAL A 137 8.61 -23.03 20.66
N LYS A 138 9.15 -23.81 21.59
CA LYS A 138 8.38 -24.23 22.75
C LYS A 138 8.00 -23.05 23.64
N THR A 139 8.95 -22.17 23.93
CA THR A 139 8.67 -21.06 24.84
C THR A 139 8.24 -19.79 24.13
N GLY A 140 8.53 -19.67 22.84
CA GLY A 140 8.31 -18.43 22.15
C GLY A 140 9.30 -17.34 22.50
N LYS A 141 10.37 -17.66 23.22
CA LYS A 141 11.34 -16.67 23.65
C LYS A 141 12.45 -16.52 22.62
N CYS A 142 12.99 -15.30 22.53
CA CYS A 142 14.16 -15.08 21.70
C CYS A 142 15.37 -15.70 22.40
N LEU A 143 16.12 -16.50 21.66
CA LEU A 143 17.33 -17.09 22.22
C LEU A 143 18.58 -16.28 21.89
N LYS A 144 18.65 -15.74 20.68
CA LYS A 144 19.80 -14.94 20.26
C LYS A 144 19.32 -13.85 19.31
N THR A 145 19.99 -12.70 19.39
CA THR A 145 19.84 -11.64 18.40
C THR A 145 21.19 -11.42 17.74
N LEU A 146 21.22 -11.62 16.42
CA LEU A 146 22.46 -11.49 15.64
C LEU A 146 22.47 -10.13 14.95
N PRO A 147 23.48 -9.29 15.19
CA PRO A 147 23.55 -8.02 14.46
C PRO A 147 24.03 -8.27 13.04
N ALA A 148 23.14 -8.83 12.22
CA ALA A 148 23.58 -9.54 11.04
C ALA A 148 24.00 -8.62 9.90
N HIS A 149 23.30 -7.50 9.73
CA HIS A 149 23.43 -6.72 8.51
C HIS A 149 23.29 -5.24 8.82
N SER A 150 23.52 -4.43 7.79
CA SER A 150 23.43 -2.97 7.91
C SER A 150 22.31 -2.42 7.06
N ASP A 151 21.38 -3.28 6.68
CA ASP A 151 20.20 -2.92 5.91
C ASP A 151 19.17 -4.01 6.12
N PRO A 152 17.95 -3.84 5.64
CA PRO A 152 16.93 -4.87 5.85
C PRO A 152 17.41 -6.26 5.44
N VAL A 153 17.00 -7.26 6.21
CA VAL A 153 17.35 -8.65 5.97
C VAL A 153 16.33 -9.25 5.00
N SER A 154 16.80 -9.70 3.84
CA SER A 154 15.91 -10.15 2.78
C SER A 154 15.61 -11.65 2.83
N ALA A 155 16.46 -12.47 3.45
CA ALA A 155 16.16 -13.90 3.55
C ALA A 155 16.94 -14.53 4.70
N VAL A 156 16.39 -15.60 5.28
CA VAL A 156 17.05 -16.42 6.29
C VAL A 156 16.70 -17.88 6.02
N HIS A 157 17.69 -18.75 6.12
CA HIS A 157 17.47 -20.15 5.76
C HIS A 157 18.42 -21.05 6.56
N PHE A 158 17.88 -22.13 7.12
CA PHE A 158 18.69 -23.18 7.73
C PHE A 158 19.17 -24.17 6.68
N ASN A 159 20.37 -24.70 6.91
CA ASN A 159 20.88 -25.75 6.03
C ASN A 159 20.23 -27.08 6.44
N ARG A 160 20.69 -28.18 5.81
CA ARG A 160 19.97 -29.44 5.85
C ARG A 160 19.82 -30.01 7.25
N ASP A 161 20.79 -29.77 8.12
CA ASP A 161 20.72 -30.27 9.48
C ASP A 161 20.49 -29.17 10.52
N GLY A 162 20.34 -27.92 10.09
CA GLY A 162 20.12 -26.83 11.02
C GLY A 162 21.37 -26.27 11.67
N SER A 163 22.56 -26.81 11.37
CA SER A 163 23.78 -26.31 12.01
C SER A 163 24.18 -24.93 11.51
N LEU A 164 23.68 -24.51 10.35
CA LEU A 164 24.06 -23.24 9.76
C LEU A 164 22.82 -22.45 9.37
N ILE A 165 22.95 -21.12 9.43
CA ILE A 165 21.95 -20.20 8.90
C ILE A 165 22.62 -19.36 7.84
N VAL A 166 21.95 -19.18 6.71
CA VAL A 166 22.40 -18.20 5.73
C VAL A 166 21.43 -17.03 5.72
N SER A 167 21.97 -15.80 5.69
CA SER A 167 21.18 -14.57 5.65
C SER A 167 21.66 -13.70 4.51
N SER A 168 20.75 -12.85 4.00
CA SER A 168 21.08 -11.93 2.93
C SER A 168 20.43 -10.59 3.24
N SER A 169 20.93 -9.54 2.59
CA SER A 169 20.47 -8.20 2.92
C SER A 169 20.65 -7.28 1.72
N TYR A 170 19.84 -6.22 1.71
CA TYR A 170 20.06 -5.08 0.82
C TYR A 170 21.47 -4.51 0.95
N ASP A 171 22.14 -4.74 2.08
CA ASP A 171 23.51 -4.23 2.24
C ASP A 171 24.49 -4.90 1.30
N GLY A 172 24.06 -5.94 0.58
CA GLY A 172 24.88 -6.56 -0.42
C GLY A 172 25.60 -7.79 0.05
N LEU A 173 25.41 -8.19 1.30
CA LEU A 173 26.15 -9.29 1.87
C LEU A 173 25.30 -10.54 1.98
N CYS A 174 25.97 -11.69 1.90
N CYS A 174 25.94 -11.69 1.80
CA CYS A 174 25.40 -12.98 2.26
CA CYS A 174 25.45 -12.97 2.26
C CYS A 174 26.30 -13.59 3.32
C CYS A 174 26.35 -13.41 3.42
N ARG A 175 25.74 -13.81 4.51
CA ARG A 175 26.51 -14.25 5.68
C ARG A 175 26.02 -15.60 6.15
N ILE A 176 26.94 -16.46 6.55
CA ILE A 176 26.62 -17.79 7.04
C ILE A 176 26.93 -17.82 8.53
N TRP A 177 25.95 -18.21 9.33
CA TRP A 177 26.02 -18.19 10.77
C TRP A 177 26.00 -19.60 11.36
N ASP A 178 26.79 -19.81 12.40
CA ASP A 178 26.74 -21.01 13.24
C ASP A 178 25.52 -20.93 14.14
N THR A 179 24.53 -21.81 13.95
CA THR A 179 23.30 -21.71 14.73
C THR A 179 23.56 -21.78 16.23
N ALA A 180 24.35 -22.76 16.67
CA ALA A 180 24.53 -23.03 18.10
C ALA A 180 25.12 -21.84 18.85
N SER A 181 26.00 -21.07 18.22
CA SER A 181 26.70 -19.98 18.91
C SER A 181 26.31 -18.60 18.42
N GLY A 182 25.64 -18.47 17.28
CA GLY A 182 25.31 -17.19 16.70
C GLY A 182 26.47 -16.44 16.09
N GLN A 183 27.62 -17.08 15.92
CA GLN A 183 28.80 -16.40 15.39
C GLN A 183 28.88 -16.59 13.87
N CYS A 184 29.38 -15.57 13.18
CA CYS A 184 29.43 -15.57 11.74
C CYS A 184 30.64 -16.36 11.25
N LEU A 185 30.40 -17.34 10.37
CA LEU A 185 31.43 -18.21 9.84
C LEU A 185 32.02 -17.72 8.53
N LYS A 186 31.24 -17.02 7.72
CA LYS A 186 31.70 -16.65 6.39
C LYS A 186 30.82 -15.52 5.87
N THR A 187 31.43 -14.55 5.20
CA THR A 187 30.70 -13.56 4.41
C THR A 187 31.10 -13.75 2.95
N LEU A 188 30.12 -13.86 2.06
CA LEU A 188 30.42 -14.14 0.66
C LEU A 188 30.92 -12.90 -0.05
N ASN A 193 28.96 -4.99 -4.68
CA ASN A 193 27.91 -5.50 -3.81
C ASN A 193 26.54 -4.93 -4.18
N PRO A 194 25.92 -5.47 -5.23
CA PRO A 194 24.51 -5.17 -5.46
C PRO A 194 23.67 -5.74 -4.34
N PRO A 195 22.53 -5.13 -4.03
CA PRO A 195 21.64 -5.69 -3.00
C PRO A 195 21.38 -7.16 -3.25
N VAL A 196 21.45 -7.96 -2.20
CA VAL A 196 21.10 -9.38 -2.27
C VAL A 196 19.64 -9.52 -1.84
N SER A 197 18.79 -9.95 -2.75
CA SER A 197 17.35 -9.95 -2.51
C SER A 197 16.79 -11.30 -2.09
N PHE A 198 17.60 -12.37 -2.16
CA PHE A 198 17.15 -13.68 -1.72
C PHE A 198 18.35 -14.60 -1.59
N VAL A 199 18.29 -15.50 -0.61
CA VAL A 199 19.31 -16.54 -0.45
C VAL A 199 18.70 -17.81 0.11
N LYS A 200 19.28 -18.95 -0.26
CA LYS A 200 18.83 -20.27 0.18
C LYS A 200 19.94 -21.31 -0.02
N PHE A 201 20.06 -22.23 0.93
CA PHE A 201 20.91 -23.41 0.75
C PHE A 201 20.30 -24.37 -0.26
N SER A 202 21.18 -25.04 -1.00
CA SER A 202 20.77 -26.20 -1.79
C SER A 202 20.32 -27.33 -0.88
N PRO A 203 19.58 -28.30 -1.41
CA PRO A 203 19.06 -29.37 -0.53
C PRO A 203 20.14 -30.11 0.24
N ASN A 204 21.32 -30.34 -0.34
CA ASN A 204 22.39 -31.00 0.38
C ASN A 204 23.22 -30.06 1.25
N GLY A 205 22.94 -28.76 1.19
CA GLY A 205 23.63 -27.79 2.01
C GLY A 205 25.00 -27.39 1.53
N LYS A 206 25.43 -27.89 0.38
CA LYS A 206 26.77 -27.55 -0.13
C LYS A 206 26.79 -26.23 -0.86
N TYR A 207 25.69 -25.86 -1.52
CA TYR A 207 25.67 -24.68 -2.36
C TYR A 207 24.64 -23.69 -1.87
N ILE A 208 24.80 -22.45 -2.30
CA ILE A 208 23.89 -21.38 -1.92
C ILE A 208 23.40 -20.70 -3.19
N LEU A 209 22.08 -20.52 -3.30
CA LEU A 209 21.46 -19.78 -4.41
C LEU A 209 21.15 -18.37 -3.93
N ALA A 210 21.69 -17.36 -4.62
CA ALA A 210 21.55 -15.96 -4.23
C ALA A 210 21.02 -15.12 -5.38
N ALA A 211 19.98 -14.34 -5.11
CA ALA A 211 19.45 -13.37 -6.07
C ALA A 211 19.96 -11.99 -5.72
N THR A 212 20.30 -11.20 -6.74
CA THR A 212 20.69 -9.81 -6.55
C THR A 212 19.81 -8.92 -7.42
N LEU A 213 19.71 -7.64 -7.03
CA LEU A 213 18.76 -6.74 -7.68
C LEU A 213 19.31 -6.13 -8.95
N ASP A 214 20.06 -6.93 -9.70
CA ASP A 214 20.55 -6.59 -11.02
C ASP A 214 20.18 -7.69 -12.00
N ASN A 215 19.00 -8.28 -11.80
CA ASN A 215 18.42 -9.25 -12.73
C ASN A 215 19.29 -10.50 -12.83
N THR A 216 19.78 -10.98 -11.69
CA THR A 216 20.80 -12.02 -11.65
C THR A 216 20.57 -12.97 -10.48
N LEU A 217 20.61 -14.27 -10.77
CA LEU A 217 20.71 -15.33 -9.77
C LEU A 217 22.09 -15.97 -9.89
N LYS A 218 22.64 -16.40 -8.75
CA LYS A 218 23.95 -17.03 -8.78
C LYS A 218 23.97 -18.22 -7.84
N LEU A 219 24.64 -19.29 -8.28
CA LEU A 219 24.82 -20.48 -7.47
C LEU A 219 26.26 -20.49 -6.98
N TRP A 220 26.44 -20.45 -5.65
CA TRP A 220 27.75 -20.39 -5.02
C TRP A 220 28.10 -21.71 -4.37
N ASP A 221 29.39 -22.05 -4.39
CA ASP A 221 29.90 -23.11 -3.54
C ASP A 221 30.14 -22.50 -2.17
N TYR A 222 29.56 -23.11 -1.13
CA TYR A 222 29.73 -22.54 0.21
C TYR A 222 31.12 -22.82 0.75
N SER A 223 31.59 -24.07 0.68
CA SER A 223 32.91 -24.39 1.21
C SER A 223 34.01 -23.61 0.49
N LYS A 224 33.88 -23.45 -0.82
CA LYS A 224 34.91 -22.74 -1.59
C LYS A 224 34.71 -21.23 -1.55
N GLY A 225 33.47 -20.77 -1.49
CA GLY A 225 33.20 -19.35 -1.58
C GLY A 225 33.44 -18.82 -2.98
N LYS A 226 32.94 -19.53 -4.00
CA LYS A 226 33.10 -19.12 -5.38
C LYS A 226 31.80 -19.37 -6.13
N CYS A 227 31.50 -18.52 -7.11
CA CYS A 227 30.27 -18.61 -7.89
C CYS A 227 30.42 -19.63 -9.01
N LEU A 228 29.46 -20.55 -9.11
CA LEU A 228 29.51 -21.64 -10.08
C LEU A 228 28.67 -21.37 -11.33
N LYS A 229 27.48 -20.81 -11.17
CA LYS A 229 26.56 -20.58 -12.29
C LYS A 229 25.89 -19.23 -12.10
N THR A 230 25.57 -18.58 -13.22
CA THR A 230 24.82 -17.32 -13.23
C THR A 230 23.61 -17.46 -14.14
N TYR A 231 22.43 -17.12 -13.63
CA TYR A 231 21.17 -17.20 -14.37
C TYR A 231 20.61 -15.80 -14.60
N THR A 232 20.32 -15.47 -15.85
CA THR A 232 19.83 -14.14 -16.21
C THR A 232 18.68 -14.27 -17.20
N GLY A 233 18.11 -13.13 -17.59
CA GLY A 233 17.01 -13.08 -18.52
C GLY A 233 15.69 -12.65 -17.92
N HIS A 234 15.52 -12.84 -16.60
CA HIS A 234 14.33 -12.40 -15.91
C HIS A 234 14.49 -10.92 -15.53
N LYS A 235 13.44 -10.35 -14.94
CA LYS A 235 13.46 -8.96 -14.51
C LYS A 235 13.38 -8.93 -12.99
N ASN A 236 14.42 -8.40 -12.34
CA ASN A 236 14.43 -8.33 -10.88
C ASN A 236 15.36 -7.20 -10.46
N GLU A 237 14.78 -6.01 -10.30
CA GLU A 237 15.53 -4.86 -9.82
C GLU A 237 14.90 -4.15 -8.63
N LYS A 238 13.74 -4.59 -8.17
CA LYS A 238 13.02 -3.86 -7.15
C LYS A 238 12.53 -4.73 -6.00
N TYR A 239 12.17 -5.98 -6.27
CA TYR A 239 11.52 -6.83 -5.28
C TYR A 239 12.42 -7.99 -4.85
N CYS A 240 12.19 -8.45 -3.62
CA CYS A 240 12.76 -9.70 -3.14
C CYS A 240 11.88 -10.86 -3.59
N ILE A 241 12.39 -11.63 -4.53
CA ILE A 241 11.64 -12.68 -5.19
C ILE A 241 12.24 -14.01 -4.78
N PHE A 242 11.38 -14.92 -4.29
CA PHE A 242 11.80 -16.26 -3.91
C PHE A 242 12.36 -17.02 -5.12
N ALA A 243 13.35 -17.86 -4.87
CA ALA A 243 13.87 -18.76 -5.89
C ALA A 243 14.02 -20.15 -5.28
N ASN A 244 14.08 -21.16 -6.14
CA ASN A 244 14.01 -22.54 -5.68
C ASN A 244 14.92 -23.45 -6.49
N PHE A 245 15.35 -24.53 -5.86
CA PHE A 245 15.88 -25.69 -6.55
C PHE A 245 14.73 -26.64 -6.81
N SER A 246 14.52 -26.98 -8.07
CA SER A 246 13.54 -28.02 -8.41
C SER A 246 14.30 -29.31 -8.65
N VAL A 247 13.95 -30.36 -7.88
CA VAL A 247 14.73 -31.58 -7.85
C VAL A 247 13.91 -32.85 -8.05
N THR A 248 12.59 -32.74 -8.18
CA THR A 248 11.77 -33.95 -8.29
C THR A 248 11.87 -34.61 -9.65
N GLY A 249 12.15 -33.82 -10.69
CA GLY A 249 12.31 -34.32 -12.03
C GLY A 249 13.66 -33.90 -12.55
N GLY A 250 13.67 -33.15 -13.64
CA GLY A 250 14.90 -32.51 -14.07
C GLY A 250 15.37 -31.48 -13.05
N LYS A 251 16.65 -31.15 -13.12
CA LYS A 251 17.24 -30.22 -12.16
C LYS A 251 17.12 -28.80 -12.69
N TRP A 252 16.21 -28.02 -12.10
CA TRP A 252 15.94 -26.66 -12.54
C TRP A 252 16.22 -25.67 -11.43
N ILE A 253 16.35 -24.41 -11.84
CA ILE A 253 16.22 -23.26 -10.96
C ILE A 253 14.91 -22.58 -11.31
N VAL A 254 14.10 -22.29 -10.28
CA VAL A 254 12.80 -21.69 -10.49
C VAL A 254 12.72 -20.35 -9.76
N SER A 255 12.25 -19.32 -10.46
CA SER A 255 12.10 -18.03 -9.83
C SER A 255 10.94 -17.27 -10.44
N GLY A 256 10.35 -16.37 -9.66
CA GLY A 256 9.45 -15.38 -10.19
C GLY A 256 10.20 -14.25 -10.87
N SER A 257 9.46 -13.23 -11.29
CA SER A 257 10.04 -12.18 -12.11
C SER A 257 9.10 -11.00 -12.12
N GLU A 258 9.65 -9.81 -12.32
CA GLU A 258 8.87 -8.58 -12.37
C GLU A 258 8.23 -8.34 -13.73
N ASP A 259 8.37 -9.27 -14.66
CA ASP A 259 7.60 -9.20 -15.91
C ASP A 259 6.43 -10.17 -15.89
N ASN A 260 5.98 -10.55 -14.69
CA ASN A 260 4.76 -11.32 -14.46
C ASN A 260 4.90 -12.78 -14.86
N LEU A 261 6.13 -13.29 -15.03
CA LEU A 261 6.34 -14.66 -15.48
C LEU A 261 7.09 -15.49 -14.45
N VAL A 262 6.88 -16.80 -14.51
CA VAL A 262 7.70 -17.76 -13.78
C VAL A 262 8.81 -18.22 -14.71
N TYR A 263 10.05 -18.05 -14.28
CA TYR A 263 11.22 -18.45 -15.05
C TYR A 263 11.75 -19.78 -14.55
N ILE A 264 12.12 -20.67 -15.50
CA ILE A 264 12.73 -21.95 -15.17
C ILE A 264 14.00 -22.07 -15.99
N TRP A 265 15.14 -22.22 -15.31
CA TRP A 265 16.42 -22.41 -15.96
C TRP A 265 16.87 -23.86 -15.81
N ASN A 266 17.55 -24.35 -16.83
CA ASN A 266 18.35 -25.56 -16.68
C ASN A 266 19.50 -25.23 -15.74
N LEU A 267 19.63 -25.99 -14.65
CA LEU A 267 20.62 -25.63 -13.63
C LEU A 267 22.04 -25.68 -14.18
N GLN A 268 22.33 -26.65 -15.04
CA GLN A 268 23.70 -26.85 -15.50
C GLN A 268 24.05 -25.94 -16.66
N THR A 269 23.15 -25.77 -17.62
CA THR A 269 23.45 -24.99 -18.80
C THR A 269 23.06 -23.53 -18.68
N LYS A 270 22.26 -23.18 -17.66
CA LYS A 270 21.81 -21.81 -17.41
C LYS A 270 20.90 -21.27 -18.51
N GLU A 271 20.35 -22.15 -19.35
CA GLU A 271 19.40 -21.74 -20.37
C GLU A 271 17.99 -21.66 -19.79
N ILE A 272 17.29 -20.58 -20.13
CA ILE A 272 15.86 -20.48 -19.79
C ILE A 272 15.13 -21.55 -20.60
N VAL A 273 14.52 -22.52 -19.91
CA VAL A 273 13.83 -23.62 -20.58
C VAL A 273 12.31 -23.48 -20.55
N GLN A 274 11.76 -22.56 -19.75
CA GLN A 274 10.33 -22.34 -19.71
C GLN A 274 10.06 -21.01 -19.03
N LYS A 275 9.09 -20.27 -19.55
CA LYS A 275 8.54 -19.09 -18.90
C LYS A 275 7.03 -19.29 -18.79
N LEU A 276 6.52 -19.34 -17.57
CA LEU A 276 5.12 -19.67 -17.33
C LEU A 276 4.28 -18.39 -17.35
N GLN A 277 3.34 -18.32 -18.28
CA GLN A 277 2.50 -17.16 -18.48
C GLN A 277 1.13 -17.33 -17.85
N GLY A 278 0.64 -16.28 -17.22
CA GLY A 278 -0.69 -16.30 -16.66
C GLY A 278 -0.93 -15.20 -15.64
N HIS A 279 0.09 -14.92 -14.82
CA HIS A 279 -0.05 -13.89 -13.80
C HIS A 279 -0.09 -12.50 -14.43
N THR A 280 -0.76 -11.59 -13.74
CA THR A 280 -0.94 -10.23 -14.22
C THR A 280 -0.23 -9.22 -13.32
N ASP A 281 0.70 -9.68 -12.49
CA ASP A 281 1.53 -8.79 -11.70
C ASP A 281 2.82 -9.54 -11.38
N VAL A 282 3.73 -8.85 -10.69
CA VAL A 282 5.01 -9.45 -10.31
C VAL A 282 4.79 -10.78 -9.63
N VAL A 283 5.47 -11.82 -10.11
CA VAL A 283 5.45 -13.12 -9.43
C VAL A 283 6.47 -13.03 -8.30
N ILE A 284 5.99 -12.85 -7.08
CA ILE A 284 6.87 -12.54 -5.96
C ILE A 284 7.34 -13.81 -5.28
N SER A 285 6.65 -14.92 -5.47
CA SER A 285 7.00 -16.13 -4.76
C SER A 285 6.69 -17.34 -5.64
N THR A 286 7.61 -18.30 -5.59
CA THR A 286 7.42 -19.60 -6.21
C THR A 286 7.83 -20.63 -5.18
N ALA A 287 7.25 -21.82 -5.30
CA ALA A 287 7.60 -22.92 -4.43
C ALA A 287 7.54 -24.20 -5.25
N CYS A 288 8.39 -25.16 -4.90
CA CYS A 288 8.44 -26.43 -5.60
C CYS A 288 7.99 -27.54 -4.67
N HIS A 289 7.13 -28.42 -5.18
CA HIS A 289 6.56 -29.46 -4.36
C HIS A 289 7.64 -30.47 -3.94
N PRO A 290 7.55 -31.03 -2.73
CA PRO A 290 8.62 -31.90 -2.25
C PRO A 290 8.77 -33.21 -2.99
N THR A 291 7.71 -33.72 -3.65
CA THR A 291 7.82 -35.03 -4.29
C THR A 291 7.30 -35.07 -5.73
N GLU A 292 6.35 -34.21 -6.07
CA GLU A 292 5.77 -34.16 -7.41
C GLU A 292 6.33 -32.98 -8.19
N ASN A 293 6.28 -33.09 -9.52
CA ASN A 293 6.68 -31.97 -10.39
C ASN A 293 5.57 -30.94 -10.44
N ILE A 294 5.43 -30.20 -9.33
CA ILE A 294 4.38 -29.20 -9.16
C ILE A 294 5.04 -27.91 -8.68
N ILE A 295 4.71 -26.80 -9.32
CA ILE A 295 5.15 -25.48 -8.89
C ILE A 295 3.92 -24.68 -8.48
N ALA A 296 4.04 -23.94 -7.38
CA ALA A 296 3.08 -22.93 -7.00
C ALA A 296 3.72 -21.56 -7.18
N SER A 297 2.96 -20.62 -7.73
CA SER A 297 3.44 -19.25 -7.92
C SER A 297 2.40 -18.26 -7.41
N ALA A 298 2.86 -17.08 -6.97
CA ALA A 298 1.92 -16.12 -6.44
C ALA A 298 2.40 -14.72 -6.81
N ALA A 299 1.45 -13.81 -6.97
CA ALA A 299 1.73 -12.49 -7.55
C ALA A 299 1.18 -11.39 -6.66
N LEU A 300 1.63 -10.17 -6.96
CA LEU A 300 1.27 -8.99 -6.20
C LEU A 300 -0.15 -8.50 -6.50
N GLU A 301 -0.45 -7.25 -6.12
CA GLU A 301 -1.83 -6.87 -5.85
C GLU A 301 -2.68 -6.66 -7.09
N ASN A 302 -2.09 -6.50 -8.28
CA ASN A 302 -2.91 -6.43 -9.48
C ASN A 302 -3.37 -7.82 -9.92
N ASP A 303 -2.89 -8.86 -9.25
CA ASP A 303 -3.21 -10.23 -9.60
C ASP A 303 -3.84 -10.93 -8.40
N LYS A 304 -3.13 -11.01 -7.28
CA LYS A 304 -3.62 -11.54 -6.01
C LYS A 304 -3.93 -13.02 -6.05
N THR A 305 -3.54 -13.73 -7.11
CA THR A 305 -3.86 -15.16 -7.20
C THR A 305 -2.62 -16.02 -7.00
N ILE A 306 -2.88 -17.29 -6.69
CA ILE A 306 -1.86 -18.33 -6.66
C ILE A 306 -2.16 -19.27 -7.81
N LYS A 307 -1.13 -19.72 -8.49
CA LYS A 307 -1.31 -20.68 -9.58
C LYS A 307 -0.54 -21.96 -9.26
N LEU A 308 -1.16 -23.08 -9.57
CA LEU A 308 -0.54 -24.40 -9.45
C LEU A 308 -0.29 -24.95 -10.84
N TRP A 309 0.96 -25.36 -11.10
CA TRP A 309 1.43 -25.85 -12.38
C TRP A 309 1.96 -27.27 -12.22
N LYS A 310 1.75 -28.11 -13.24
CA LYS A 310 2.29 -29.47 -13.20
C LYS A 310 3.02 -29.81 -14.50
N SER A 311 4.13 -30.52 -14.36
CA SER A 311 4.97 -30.97 -15.47
C SER A 311 5.09 -32.48 -15.45
N ASP A 312 5.35 -33.05 -16.63
CA ASP A 312 5.65 -34.48 -16.72
C ASP A 312 7.07 -34.81 -16.27
N CYS A 313 7.95 -33.83 -16.21
CA CYS A 313 9.34 -34.07 -15.85
C CYS A 313 9.94 -32.88 -15.12
N LYS B 11 -23.99 33.21 14.23
CA LYS B 11 -24.39 32.17 13.27
C LYS B 11 -24.48 32.73 11.86
N PRO B 12 -24.10 31.93 10.87
CA PRO B 12 -24.29 32.33 9.47
C PRO B 12 -25.73 32.12 9.03
N ASN B 13 -26.03 32.55 7.81
CA ASN B 13 -27.36 32.37 7.24
C ASN B 13 -27.23 31.98 5.77
N TYR B 14 -26.46 30.91 5.52
CA TYR B 14 -26.30 30.41 4.16
C TYR B 14 -27.65 30.03 3.57
N ALA B 15 -27.91 30.53 2.38
CA ALA B 15 -29.14 30.29 1.65
C ALA B 15 -28.79 29.93 0.22
N LEU B 16 -29.62 29.09 -0.38
CA LEU B 16 -29.35 28.61 -1.73
C LEU B 16 -29.45 29.74 -2.73
N LYS B 17 -28.47 29.83 -3.61
CA LYS B 17 -28.47 30.79 -4.71
C LYS B 17 -28.53 30.13 -6.08
N PHE B 18 -27.86 28.98 -6.26
CA PHE B 18 -27.78 28.35 -7.57
C PHE B 18 -27.67 26.83 -7.40
N THR B 19 -28.32 26.09 -8.30
CA THR B 19 -28.08 24.67 -8.45
C THR B 19 -27.47 24.45 -9.83
N LEU B 20 -26.32 23.78 -9.85
CA LEU B 20 -25.50 23.60 -11.04
C LEU B 20 -25.67 22.17 -11.51
N ALA B 21 -26.27 22.00 -12.69
CA ALA B 21 -26.53 20.70 -13.25
C ALA B 21 -25.74 20.51 -14.54
N GLY B 22 -25.31 19.27 -14.78
CA GLY B 22 -24.59 18.96 -16.00
C GLY B 22 -23.84 17.65 -15.95
N HIS B 23 -23.33 17.30 -14.77
CA HIS B 23 -22.67 16.01 -14.59
C HIS B 23 -23.69 14.89 -14.70
N THR B 24 -23.28 13.79 -15.34
CA THR B 24 -24.19 12.69 -15.59
C THR B 24 -23.98 11.50 -14.66
N LYS B 25 -22.97 11.58 -13.79
CA LYS B 25 -22.84 10.66 -12.68
C LYS B 25 -22.55 11.44 -11.40
N ALA B 26 -22.23 10.72 -10.33
CA ALA B 26 -21.89 11.36 -9.07
C ALA B 26 -20.82 12.44 -9.26
N VAL B 27 -21.00 13.56 -8.57
CA VAL B 27 -19.93 14.54 -8.46
C VAL B 27 -18.98 14.08 -7.37
N SER B 28 -17.69 14.22 -7.61
CA SER B 28 -16.70 13.69 -6.69
C SER B 28 -15.97 14.75 -5.89
N SER B 29 -15.79 15.95 -6.44
CA SER B 29 -15.06 16.99 -5.70
C SER B 29 -15.41 18.33 -6.32
N VAL B 30 -15.49 19.38 -5.49
CA VAL B 30 -15.62 20.75 -5.96
C VAL B 30 -14.57 21.61 -5.27
N LYS B 31 -14.02 22.57 -6.00
CA LYS B 31 -12.95 23.41 -5.49
C LYS B 31 -13.04 24.79 -6.12
N PHE B 32 -12.96 25.85 -5.29
CA PHE B 32 -12.88 27.21 -5.81
C PHE B 32 -11.45 27.54 -6.24
N SER B 33 -11.31 28.22 -7.38
CA SER B 33 -10.00 28.70 -7.78
C SER B 33 -9.51 29.71 -6.75
N PRO B 34 -8.18 29.79 -6.54
CA PRO B 34 -7.68 30.75 -5.55
C PRO B 34 -7.99 32.19 -5.88
N ASN B 35 -8.11 32.56 -7.16
CA ASN B 35 -8.49 33.93 -7.49
C ASN B 35 -9.99 34.19 -7.34
N GLY B 36 -10.74 33.20 -6.87
CA GLY B 36 -12.14 33.34 -6.57
C GLY B 36 -13.08 33.36 -7.75
N GLU B 37 -12.56 33.22 -8.98
CA GLU B 37 -13.39 33.43 -10.16
C GLU B 37 -14.20 32.21 -10.54
N TRP B 38 -13.68 31.01 -10.28
CA TRP B 38 -14.22 29.79 -10.84
C TRP B 38 -14.51 28.76 -9.77
N LEU B 39 -15.44 27.86 -10.08
CA LEU B 39 -15.57 26.59 -9.39
C LEU B 39 -15.26 25.47 -10.36
N ALA B 40 -14.37 24.56 -9.97
CA ALA B 40 -14.13 23.33 -10.70
C ALA B 40 -14.83 22.15 -10.02
N SER B 41 -15.43 21.29 -10.83
CA SER B 41 -16.04 20.09 -10.30
C SER B 41 -15.50 18.89 -11.07
N SER B 42 -15.26 17.80 -10.36
CA SER B 42 -14.90 16.52 -10.96
C SER B 42 -16.04 15.52 -10.76
N SER B 43 -16.03 14.46 -11.55
CA SER B 43 -17.16 13.55 -11.48
C SER B 43 -16.78 12.15 -11.95
N ALA B 44 -17.59 11.19 -11.49
CA ALA B 44 -17.50 9.82 -11.98
C ALA B 44 -17.80 9.70 -13.47
N ASP B 45 -18.38 10.75 -14.09
CA ASP B 45 -18.62 10.78 -15.53
C ASP B 45 -17.36 11.08 -16.35
N LYS B 46 -16.19 11.09 -15.69
CA LYS B 46 -14.87 11.24 -16.31
C LYS B 46 -14.57 12.66 -16.75
N LEU B 47 -15.35 13.64 -16.27
CA LEU B 47 -15.24 15.01 -16.74
C LEU B 47 -14.93 15.96 -15.59
N ILE B 48 -14.27 17.07 -15.95
CA ILE B 48 -14.11 18.24 -15.11
C ILE B 48 -15.00 19.33 -15.71
N LYS B 49 -15.77 19.99 -14.87
CA LYS B 49 -16.53 21.15 -15.34
C LYS B 49 -16.09 22.40 -14.59
N ILE B 50 -16.06 23.51 -15.33
CA ILE B 50 -15.70 24.82 -14.81
C ILE B 50 -16.96 25.69 -14.80
N TRP B 51 -17.22 26.34 -13.67
CA TRP B 51 -18.41 27.15 -13.48
C TRP B 51 -18.01 28.52 -12.93
N GLY B 52 -18.72 29.56 -13.36
CA GLY B 52 -18.57 30.86 -12.74
C GLY B 52 -18.86 30.79 -11.24
N ALA B 53 -17.92 31.27 -10.42
CA ALA B 53 -18.07 31.08 -8.98
C ALA B 53 -19.18 31.93 -8.38
N TYR B 54 -19.55 33.04 -9.04
CA TYR B 54 -20.49 34.00 -8.45
C TYR B 54 -21.91 33.87 -8.97
N ASP B 55 -22.09 33.52 -10.24
CA ASP B 55 -23.42 33.32 -10.81
C ASP B 55 -23.71 31.85 -11.12
N GLY B 56 -22.73 30.96 -10.98
CA GLY B 56 -22.92 29.57 -11.32
C GLY B 56 -22.91 29.24 -12.79
N LYS B 57 -22.65 30.22 -13.67
CA LYS B 57 -22.78 29.98 -15.10
C LYS B 57 -21.76 28.95 -15.58
N PHE B 58 -22.23 27.97 -16.33
CA PHE B 58 -21.34 26.95 -16.88
C PHE B 58 -20.36 27.58 -17.87
N GLU B 59 -19.08 27.23 -17.71
CA GLU B 59 -18.02 27.79 -18.55
C GLU B 59 -17.48 26.79 -19.56
N LYS B 60 -17.01 25.63 -19.13
CA LYS B 60 -16.49 24.65 -20.09
C LYS B 60 -16.38 23.29 -19.43
N THR B 61 -16.28 22.28 -20.28
CA THR B 61 -15.98 20.92 -19.88
C THR B 61 -14.55 20.57 -20.27
N ILE B 62 -13.83 19.93 -19.36
CA ILE B 62 -12.46 19.50 -19.62
C ILE B 62 -12.45 17.98 -19.59
N SER B 63 -12.02 17.36 -20.68
CA SER B 63 -12.15 15.92 -20.85
C SER B 63 -10.83 15.30 -21.26
N GLY B 64 -10.66 14.02 -20.90
CA GLY B 64 -9.48 13.29 -21.31
C GLY B 64 -9.23 12.03 -20.50
N HIS B 65 -9.70 11.99 -19.27
CA HIS B 65 -9.53 10.80 -18.45
C HIS B 65 -10.38 9.66 -19.01
N LYS B 66 -9.84 8.46 -18.92
CA LYS B 66 -10.53 7.28 -19.45
C LYS B 66 -11.50 6.63 -18.47
N LEU B 67 -11.45 7.02 -17.19
CA LEU B 67 -12.33 6.50 -16.15
C LEU B 67 -12.69 7.65 -15.22
N GLY B 68 -13.49 7.36 -14.20
CA GLY B 68 -13.98 8.42 -13.32
C GLY B 68 -12.88 9.23 -12.67
N ILE B 69 -13.19 10.48 -12.37
CA ILE B 69 -12.27 11.37 -11.68
C ILE B 69 -12.68 11.46 -10.21
N SER B 70 -11.72 11.26 -9.30
N SER B 70 -11.71 11.29 -9.31
CA SER B 70 -11.99 11.35 -7.87
CA SER B 70 -11.99 11.32 -7.88
C SER B 70 -11.90 12.79 -7.37
C SER B 70 -11.77 12.69 -7.25
N ASP B 71 -10.91 13.52 -7.82
CA ASP B 71 -10.50 14.74 -7.15
C ASP B 71 -9.89 15.69 -8.16
N VAL B 72 -9.96 16.99 -7.84
CA VAL B 72 -9.38 18.02 -8.67
C VAL B 72 -8.79 19.07 -7.74
N ALA B 73 -7.77 19.77 -8.21
CA ALA B 73 -7.15 20.81 -7.39
C ALA B 73 -6.54 21.88 -8.28
N TRP B 74 -6.53 23.12 -7.78
CA TRP B 74 -6.04 24.30 -8.49
C TRP B 74 -4.61 24.67 -8.09
N SER B 75 -3.84 25.16 -9.05
CA SER B 75 -2.60 25.83 -8.71
C SER B 75 -2.89 27.20 -8.11
N SER B 76 -1.89 27.74 -7.44
CA SER B 76 -2.07 28.99 -6.71
C SER B 76 -2.43 30.16 -7.62
N ASP B 77 -1.90 30.20 -8.85
CA ASP B 77 -2.21 31.27 -9.77
C ASP B 77 -3.48 31.02 -10.59
N SER B 78 -4.24 29.99 -10.24
CA SER B 78 -5.53 29.65 -10.87
C SER B 78 -5.40 29.25 -12.34
N ASN B 79 -4.19 28.99 -12.83
CA ASN B 79 -4.01 28.70 -14.25
C ASN B 79 -4.01 27.21 -14.56
N LEU B 80 -3.72 26.38 -13.58
CA LEU B 80 -3.62 24.94 -13.76
C LEU B 80 -4.60 24.20 -12.87
N LEU B 81 -5.04 23.05 -13.35
CA LEU B 81 -5.77 22.07 -12.56
C LEU B 81 -4.99 20.77 -12.59
N VAL B 82 -5.04 20.03 -11.49
CA VAL B 82 -4.62 18.64 -11.50
C VAL B 82 -5.82 17.77 -11.13
N SER B 83 -5.94 16.60 -11.77
CA SER B 83 -7.06 15.69 -11.54
C SER B 83 -6.52 14.32 -11.20
N ALA B 84 -7.17 13.62 -10.27
CA ALA B 84 -6.84 12.26 -9.88
C ALA B 84 -7.94 11.31 -10.35
N SER B 85 -7.56 10.23 -11.03
CA SER B 85 -8.55 9.37 -11.71
C SER B 85 -8.41 7.89 -11.37
N ASP B 86 -9.54 7.19 -11.49
CA ASP B 86 -9.58 5.73 -11.45
C ASP B 86 -8.75 5.09 -12.54
N ASP B 87 -8.39 5.84 -13.58
CA ASP B 87 -7.53 5.30 -14.63
C ASP B 87 -6.08 5.22 -14.21
N LYS B 88 -5.81 5.43 -12.92
CA LYS B 88 -4.50 5.29 -12.27
C LYS B 88 -3.54 6.43 -12.59
N THR B 89 -4.01 7.49 -13.24
CA THR B 89 -3.16 8.62 -13.54
C THR B 89 -3.69 9.89 -12.89
N LEU B 90 -2.80 10.87 -12.77
CA LEU B 90 -3.20 12.25 -12.66
C LEU B 90 -2.95 12.97 -13.98
N LYS B 91 -3.72 14.04 -14.21
CA LYS B 91 -3.52 14.89 -15.37
C LYS B 91 -3.41 16.34 -14.92
N ILE B 92 -2.48 17.07 -15.54
CA ILE B 92 -2.29 18.49 -15.33
C ILE B 92 -2.90 19.20 -16.53
N TRP B 93 -3.78 20.17 -16.25
CA TRP B 93 -4.55 20.84 -17.29
C TRP B 93 -4.26 22.33 -17.28
N ASP B 94 -4.15 22.90 -18.47
CA ASP B 94 -4.20 24.35 -18.65
C ASP B 94 -5.66 24.76 -18.75
N VAL B 95 -6.14 25.51 -17.77
CA VAL B 95 -7.57 25.75 -17.63
C VAL B 95 -8.12 26.59 -18.78
N SER B 96 -7.33 27.58 -19.24
N SER B 96 -7.33 27.58 -19.23
CA SER B 96 -7.84 28.47 -20.27
CA SER B 96 -7.82 28.48 -20.28
C SER B 96 -8.00 27.75 -21.61
C SER B 96 -8.00 27.73 -21.60
N SER B 97 -7.05 26.86 -21.95
CA SER B 97 -7.14 26.12 -23.20
C SER B 97 -7.88 24.79 -23.03
N GLY B 98 -7.95 24.28 -21.81
CA GLY B 98 -8.53 22.97 -21.58
C GLY B 98 -7.63 21.82 -21.97
N LYS B 99 -6.38 22.08 -22.30
CA LYS B 99 -5.51 21.03 -22.81
C LYS B 99 -4.82 20.30 -21.67
N CYS B 100 -4.62 19.00 -21.85
CA CYS B 100 -3.85 18.19 -20.91
C CYS B 100 -2.36 18.45 -21.14
N LEU B 101 -1.69 19.02 -20.13
CA LEU B 101 -0.27 19.33 -20.27
C LEU B 101 0.62 18.13 -19.93
N LYS B 102 0.26 17.38 -18.89
CA LYS B 102 1.03 16.22 -18.45
C LYS B 102 0.09 15.14 -17.95
N THR B 103 0.46 13.90 -18.19
CA THR B 103 -0.21 12.76 -17.56
C THR B 103 0.79 12.11 -16.61
N LEU B 104 0.44 12.05 -15.32
CA LEU B 104 1.34 11.59 -14.27
C LEU B 104 1.09 10.10 -14.06
N LYS B 105 2.01 9.27 -14.52
CA LYS B 105 1.89 7.81 -14.45
C LYS B 105 2.85 7.25 -13.41
N GLY B 106 2.37 6.28 -12.63
CA GLY B 106 3.20 5.63 -11.64
C GLY B 106 2.40 4.85 -10.61
N HIS B 107 1.26 5.38 -10.21
CA HIS B 107 0.39 4.68 -9.29
C HIS B 107 -0.09 3.38 -9.91
N SER B 108 -0.27 2.36 -9.08
CA SER B 108 -0.66 1.03 -9.52
C SER B 108 -2.12 0.71 -9.20
N ASN B 109 -2.90 1.70 -8.79
CA ASN B 109 -4.33 1.55 -8.50
C ASN B 109 -4.94 2.94 -8.59
N TYR B 110 -6.25 3.03 -8.33
CA TYR B 110 -6.97 4.31 -8.42
C TYR B 110 -6.22 5.42 -7.68
N VAL B 111 -6.09 6.57 -8.33
CA VAL B 111 -5.63 7.78 -7.64
C VAL B 111 -6.84 8.43 -7.02
N PHE B 112 -6.82 8.63 -5.71
CA PHE B 112 -8.00 9.10 -4.99
C PHE B 112 -7.95 10.57 -4.66
N CYS B 113 -6.79 11.09 -4.31
CA CYS B 113 -6.76 12.45 -3.81
C CYS B 113 -5.52 13.14 -4.36
N CYS B 114 -5.60 14.47 -4.48
CA CYS B 114 -4.47 15.23 -5.01
C CYS B 114 -4.52 16.68 -4.55
N ASN B 115 -3.36 17.32 -4.58
CA ASN B 115 -3.23 18.74 -4.25
C ASN B 115 -1.91 19.26 -4.80
N PHE B 116 -1.93 20.54 -5.20
CA PHE B 116 -0.70 21.31 -5.42
C PHE B 116 -0.14 21.81 -4.09
N ASN B 117 1.19 21.99 -4.02
CA ASN B 117 1.70 22.78 -2.92
C ASN B 117 1.46 24.25 -3.21
N PRO B 118 1.57 25.12 -2.20
CA PRO B 118 1.32 26.55 -2.46
C PRO B 118 2.20 27.12 -3.54
N GLN B 119 3.48 26.76 -3.56
CA GLN B 119 4.38 27.19 -4.62
C GLN B 119 3.87 26.72 -5.98
N SER B 120 3.18 25.57 -6.00
CA SER B 120 2.58 24.91 -7.16
C SER B 120 3.63 24.36 -8.12
N ASN B 121 4.85 24.14 -7.64
CA ASN B 121 5.85 23.38 -8.38
C ASN B 121 5.73 21.88 -8.14
N LEU B 122 4.97 21.44 -7.12
CA LEU B 122 4.79 20.02 -6.83
C LEU B 122 3.31 19.67 -6.75
N ILE B 123 3.03 18.39 -6.99
CA ILE B 123 1.71 17.82 -6.75
C ILE B 123 1.90 16.64 -5.81
N VAL B 124 1.01 16.49 -4.84
CA VAL B 124 0.96 15.30 -4.02
C VAL B 124 -0.28 14.49 -4.37
N SER B 125 -0.15 13.17 -4.40
CA SER B 125 -1.29 12.32 -4.68
C SER B 125 -1.33 11.19 -3.67
N GLY B 126 -2.54 10.66 -3.48
CA GLY B 126 -2.72 9.46 -2.66
C GLY B 126 -3.60 8.49 -3.41
N SER B 127 -3.31 7.21 -3.22
CA SER B 127 -3.88 6.20 -4.09
C SER B 127 -4.37 4.98 -3.31
N PHE B 128 -5.26 4.23 -3.96
CA PHE B 128 -5.64 2.93 -3.43
C PHE B 128 -4.44 1.98 -3.32
N ASP B 129 -3.34 2.27 -4.03
CA ASP B 129 -2.15 1.42 -3.93
C ASP B 129 -1.39 1.65 -2.64
N GLU B 130 -1.91 2.51 -1.75
CA GLU B 130 -1.47 2.73 -0.37
C GLU B 130 -0.28 3.65 -0.30
N SER B 131 0.17 4.20 -1.43
CA SER B 131 1.28 5.12 -1.43
C SER B 131 0.84 6.57 -1.58
N VAL B 132 1.73 7.45 -1.13
CA VAL B 132 1.66 8.88 -1.38
C VAL B 132 2.82 9.21 -2.31
N ARG B 133 2.53 9.87 -3.42
N ARG B 133 2.53 9.88 -3.42
CA ARG B 133 3.56 10.24 -4.37
CA ARG B 133 3.57 10.24 -4.37
C ARG B 133 3.68 11.76 -4.48
C ARG B 133 3.68 11.76 -4.48
N ILE B 134 4.90 12.22 -4.73
CA ILE B 134 5.19 13.63 -4.91
C ILE B 134 5.75 13.79 -6.31
N TRP B 135 5.16 14.71 -7.07
CA TRP B 135 5.39 14.86 -8.50
C TRP B 135 5.92 16.25 -8.83
N ASP B 136 6.85 16.32 -9.76
CA ASP B 136 7.31 17.58 -10.31
C ASP B 136 6.34 18.07 -11.37
N VAL B 137 5.80 19.27 -11.18
CA VAL B 137 4.80 19.81 -12.10
C VAL B 137 5.42 20.09 -13.48
N LYS B 138 6.64 20.65 -13.51
CA LYS B 138 7.20 21.07 -14.78
C LYS B 138 7.55 19.87 -15.65
N THR B 139 8.07 18.80 -15.06
CA THR B 139 8.50 17.63 -15.83
C THR B 139 7.48 16.51 -15.85
N GLY B 140 6.53 16.49 -14.91
CA GLY B 140 5.58 15.39 -14.85
C GLY B 140 6.14 14.12 -14.28
N LYS B 141 7.36 14.14 -13.79
CA LYS B 141 8.01 12.95 -13.25
C LYS B 141 7.74 12.84 -11.75
N CYS B 142 7.63 11.60 -11.30
CA CYS B 142 7.47 11.32 -9.88
C CYS B 142 8.80 11.52 -9.18
N LEU B 143 8.83 12.40 -8.19
CA LEU B 143 10.05 12.67 -7.42
C LEU B 143 10.23 11.73 -6.25
N LYS B 144 9.14 11.33 -5.59
CA LYS B 144 9.22 10.47 -4.42
C LYS B 144 7.98 9.59 -4.35
N THR B 145 8.16 8.34 -3.92
CA THR B 145 7.06 7.47 -3.55
C THR B 145 7.18 7.18 -2.07
N LEU B 146 6.19 7.60 -1.30
CA LEU B 146 6.21 7.36 0.14
C LEU B 146 5.40 6.13 0.47
N PRO B 147 5.97 5.16 1.19
CA PRO B 147 5.20 3.99 1.66
C PRO B 147 4.31 4.34 2.84
N ALA B 148 3.33 5.22 2.58
CA ALA B 148 2.74 6.00 3.66
C ALA B 148 1.82 5.18 4.54
N HIS B 149 1.10 4.21 3.96
CA HIS B 149 -0.04 3.62 4.64
C HIS B 149 -0.15 2.16 4.23
N SER B 150 -0.98 1.43 4.98
CA SER B 150 -1.23 0.01 4.72
C SER B 150 -2.66 -0.25 4.25
N ASP B 151 -3.35 0.80 3.81
CA ASP B 151 -4.67 0.74 3.22
C ASP B 151 -4.82 1.95 2.31
N PRO B 152 -5.93 2.05 1.56
CA PRO B 152 -6.08 3.20 0.66
C PRO B 152 -5.90 4.53 1.37
N VAL B 153 -5.30 5.48 0.65
CA VAL B 153 -5.03 6.82 1.19
C VAL B 153 -6.23 7.71 0.90
N SER B 154 -6.86 8.21 1.96
CA SER B 154 -8.09 8.98 1.82
C SER B 154 -7.85 10.46 1.58
N ALA B 155 -6.71 11.01 1.99
CA ALA B 155 -6.50 12.43 1.78
C ALA B 155 -5.02 12.76 1.84
N VAL B 156 -4.64 13.81 1.10
CA VAL B 156 -3.29 14.38 1.16
C VAL B 156 -3.41 15.89 1.07
N HIS B 157 -2.60 16.60 1.85
CA HIS B 157 -2.71 18.05 1.89
C HIS B 157 -1.37 18.65 2.31
N PHE B 158 -0.97 19.73 1.63
CA PHE B 158 0.20 20.52 2.02
C PHE B 158 -0.19 21.56 3.05
N ASN B 159 0.74 21.87 3.96
CA ASN B 159 0.51 22.98 4.87
C ASN B 159 0.75 24.29 4.13
N ARG B 160 0.60 25.39 4.88
CA ARG B 160 0.51 26.72 4.26
C ARG B 160 1.79 27.14 3.56
N ASP B 161 2.97 26.72 4.03
CA ASP B 161 4.20 27.06 3.34
C ASP B 161 4.75 25.91 2.48
N GLY B 162 4.04 24.79 2.40
CA GLY B 162 4.43 23.65 1.58
C GLY B 162 5.50 22.75 2.17
N SER B 163 5.99 23.04 3.38
CA SER B 163 7.07 22.23 3.95
C SER B 163 6.56 20.90 4.51
N LEU B 164 5.27 20.73 4.69
CA LEU B 164 4.69 19.54 5.30
C LEU B 164 3.56 19.00 4.46
N ILE B 165 3.43 17.67 4.46
CA ILE B 165 2.29 16.96 3.90
C ILE B 165 1.61 16.19 5.03
N VAL B 166 0.28 16.24 5.07
CA VAL B 166 -0.49 15.40 5.97
C VAL B 166 -1.25 14.39 5.13
N SER B 167 -1.24 13.14 5.55
CA SER B 167 -1.96 12.08 4.86
C SER B 167 -2.80 11.31 5.85
N SER B 168 -3.85 10.67 5.32
CA SER B 168 -4.75 9.86 6.13
C SER B 168 -5.14 8.61 5.34
N SER B 169 -5.63 7.61 6.05
CA SER B 169 -5.91 6.35 5.39
C SER B 169 -6.99 5.56 6.10
N TYR B 170 -7.59 4.63 5.36
CA TYR B 170 -8.46 3.65 5.97
C TYR B 170 -7.75 2.85 7.07
N ASP B 171 -6.41 2.81 7.06
CA ASP B 171 -5.68 2.03 8.05
C ASP B 171 -5.78 2.63 9.45
N GLY B 172 -6.43 3.79 9.58
CA GLY B 172 -6.64 4.42 10.87
C GLY B 172 -5.57 5.40 11.25
N LEU B 173 -4.60 5.64 10.38
CA LEU B 173 -3.49 6.54 10.67
C LEU B 173 -3.65 7.90 10.01
N CYS B 174 -3.14 8.92 10.68
CA CYS B 174 -2.84 10.20 10.07
C CYS B 174 -1.37 10.49 10.29
N ARG B 175 -0.64 10.77 9.21
CA ARG B 175 0.79 11.00 9.31
C ARG B 175 1.17 12.34 8.70
N ILE B 176 2.24 12.94 9.23
CA ILE B 176 2.77 14.20 8.74
C ILE B 176 4.18 13.93 8.21
N TRP B 177 4.44 14.42 7.00
CA TRP B 177 5.64 14.14 6.24
C TRP B 177 6.39 15.42 5.93
N ASP B 178 7.71 15.36 5.98
CA ASP B 178 8.56 16.45 5.53
C ASP B 178 8.65 16.40 4.01
N THR B 179 8.26 17.51 3.36
CA THR B 179 8.14 17.51 1.90
C THR B 179 9.48 17.26 1.22
N ALA B 180 10.53 17.98 1.65
CA ALA B 180 11.81 17.90 0.97
C ALA B 180 12.43 16.50 1.07
N SER B 181 12.30 15.85 2.22
CA SER B 181 12.96 14.58 2.46
C SER B 181 12.05 13.36 2.34
N GLY B 182 10.73 13.53 2.42
CA GLY B 182 9.85 12.39 2.42
C GLY B 182 9.82 11.60 3.71
N GLN B 183 10.43 12.11 4.76
CA GLN B 183 10.47 11.39 6.03
C GLN B 183 9.23 11.74 6.86
N CYS B 184 8.75 10.75 7.61
CA CYS B 184 7.60 10.96 8.47
C CYS B 184 8.02 11.67 9.74
N LEU B 185 7.34 12.76 10.05
CA LEU B 185 7.64 13.56 11.23
C LEU B 185 6.76 13.22 12.43
N LYS B 186 5.55 12.74 12.20
CA LYS B 186 4.65 12.43 13.30
C LYS B 186 3.54 11.51 12.80
N THR B 187 3.12 10.57 13.65
CA THR B 187 1.86 9.85 13.45
C THR B 187 0.86 10.48 14.41
N LEU B 188 0.02 11.38 13.88
CA LEU B 188 -0.88 12.16 14.72
C LEU B 188 -1.99 11.30 15.30
N ILE B 189 -2.59 10.46 14.46
CA ILE B 189 -3.64 9.54 14.86
C ILE B 189 -3.11 8.14 14.60
N ASP B 190 -3.26 7.26 15.58
CA ASP B 190 -2.56 5.98 15.55
C ASP B 190 -3.43 4.97 16.32
N ASP B 191 -4.52 4.57 15.67
CA ASP B 191 -5.46 3.61 16.25
C ASP B 191 -6.11 2.81 15.14
N ASP B 192 -6.13 1.48 15.30
CA ASP B 192 -6.61 0.58 14.25
C ASP B 192 -8.04 0.89 13.80
N ASN B 193 -8.85 1.43 14.70
CA ASN B 193 -10.19 1.87 14.44
C ASN B 193 -10.35 3.18 15.19
N PRO B 194 -11.02 4.17 14.59
CA PRO B 194 -11.72 4.10 13.32
C PRO B 194 -10.85 4.47 12.11
N PRO B 195 -11.31 4.14 10.90
CA PRO B 195 -10.63 4.64 9.70
C PRO B 195 -10.64 6.16 9.67
N VAL B 196 -9.55 6.76 9.18
CA VAL B 196 -9.47 8.20 9.01
C VAL B 196 -9.80 8.52 7.55
N SER B 197 -10.92 9.20 7.33
CA SER B 197 -11.50 9.37 6.00
C SER B 197 -11.19 10.72 5.38
N PHE B 198 -10.60 11.65 6.12
CA PHE B 198 -10.26 12.96 5.59
C PHE B 198 -9.35 13.67 6.58
N VAL B 199 -8.34 14.38 6.06
CA VAL B 199 -7.51 15.29 6.85
C VAL B 199 -7.18 16.53 6.02
N LYS B 200 -6.91 17.62 6.75
CA LYS B 200 -6.58 18.90 6.15
C LYS B 200 -5.84 19.72 7.20
N PHE B 201 -4.80 20.45 6.78
CA PHE B 201 -4.22 21.48 7.64
C PHE B 201 -5.16 22.67 7.76
N SER B 202 -5.19 23.28 8.95
CA SER B 202 -5.90 24.54 9.13
C SER B 202 -5.17 25.64 8.35
N PRO B 203 -5.83 26.78 8.12
CA PRO B 203 -5.13 27.87 7.43
C PRO B 203 -3.78 28.22 8.04
N ASN B 204 -3.68 28.39 9.35
CA ASN B 204 -2.39 28.76 9.92
C ASN B 204 -1.41 27.59 9.99
N GLY B 205 -1.84 26.37 9.69
CA GLY B 205 -0.97 25.22 9.70
C GLY B 205 -0.68 24.64 11.06
N LYS B 206 -1.25 25.20 12.13
CA LYS B 206 -1.02 24.68 13.48
C LYS B 206 -1.99 23.57 13.86
N TYR B 207 -3.10 23.44 13.14
CA TYR B 207 -4.08 22.40 13.44
C TYR B 207 -4.30 21.52 12.22
N ILE B 208 -4.79 20.32 12.49
CA ILE B 208 -5.26 19.40 11.47
C ILE B 208 -6.70 19.05 11.78
N LEU B 209 -7.56 19.12 10.77
CA LEU B 209 -8.94 18.68 10.86
C LEU B 209 -9.02 17.26 10.31
N ALA B 210 -9.52 16.33 11.10
CA ALA B 210 -9.56 14.91 10.72
C ALA B 210 -10.95 14.34 10.91
N ALA B 211 -11.45 13.66 9.88
CA ALA B 211 -12.70 12.92 9.96
C ALA B 211 -12.43 11.44 10.12
N THR B 212 -13.26 10.77 10.92
CA THR B 212 -13.22 9.32 11.06
C THR B 212 -14.60 8.74 10.75
N LEU B 213 -14.61 7.46 10.40
CA LEU B 213 -15.85 6.83 9.94
C LEU B 213 -16.67 6.33 11.12
N ASP B 214 -16.87 7.21 12.10
CA ASP B 214 -17.75 6.99 13.23
C ASP B 214 -18.53 8.28 13.53
N ASN B 215 -18.85 9.03 12.48
CA ASN B 215 -19.68 10.24 12.58
C ASN B 215 -19.00 11.31 13.43
N THR B 216 -17.69 11.47 13.25
CA THR B 216 -16.91 12.38 14.08
C THR B 216 -15.92 13.17 13.24
N LEU B 217 -15.87 14.48 13.47
CA LEU B 217 -14.77 15.33 13.03
C LEU B 217 -14.02 15.84 14.25
N LYS B 218 -12.69 15.89 14.16
CA LYS B 218 -11.86 16.33 15.29
C LYS B 218 -10.86 17.37 14.81
N LEU B 219 -10.63 18.38 15.65
CA LEU B 219 -9.62 19.40 15.42
C LEU B 219 -8.42 19.09 16.31
N TRP B 220 -7.28 18.80 15.68
CA TRP B 220 -6.08 18.39 16.39
C TRP B 220 -5.05 19.50 16.41
N ASP B 221 -4.39 19.66 17.55
CA ASP B 221 -3.20 20.51 17.64
C ASP B 221 -2.01 19.71 17.13
N TYR B 222 -1.44 20.13 15.99
CA TYR B 222 -0.37 19.37 15.36
C TYR B 222 0.85 19.29 16.27
N SER B 223 1.29 20.43 16.82
CA SER B 223 2.51 20.46 17.62
C SER B 223 2.38 19.57 18.85
N LYS B 224 1.29 19.72 19.59
CA LYS B 224 1.12 18.95 20.82
C LYS B 224 0.67 17.52 20.56
N GLY B 225 -0.01 17.30 19.44
CA GLY B 225 -0.51 15.98 19.11
C GLY B 225 -1.71 15.56 19.92
N LYS B 226 -2.63 16.48 20.20
CA LYS B 226 -3.78 16.21 21.07
C LYS B 226 -5.01 16.88 20.49
N CYS B 227 -6.17 16.28 20.78
CA CYS B 227 -7.42 16.73 20.19
C CYS B 227 -8.00 17.90 20.99
N LEU B 228 -8.26 19.00 20.30
CA LEU B 228 -8.78 20.21 20.92
C LEU B 228 -10.29 20.35 20.83
N LYS B 229 -10.88 19.94 19.71
CA LYS B 229 -12.31 20.08 19.47
C LYS B 229 -12.83 18.85 18.74
N THR B 230 -14.07 18.47 19.06
CA THR B 230 -14.80 17.39 18.41
C THR B 230 -16.14 17.93 17.93
N TYR B 231 -16.49 17.61 16.68
CA TYR B 231 -17.73 18.05 16.06
C TYR B 231 -18.56 16.82 15.69
N THR B 232 -19.81 16.79 16.15
CA THR B 232 -20.69 15.65 15.91
C THR B 232 -22.07 16.14 15.50
N GLY B 233 -22.93 15.19 15.13
CA GLY B 233 -24.28 15.48 14.68
C GLY B 233 -24.54 15.11 13.25
N HIS B 234 -23.51 15.03 12.43
CA HIS B 234 -23.63 14.60 11.05
C HIS B 234 -23.51 13.08 10.97
N LYS B 235 -23.68 12.55 9.75
CA LYS B 235 -23.65 11.12 9.50
C LYS B 235 -22.47 10.85 8.57
N ASN B 236 -21.52 10.03 9.03
CA ASN B 236 -20.33 9.74 8.21
C ASN B 236 -19.76 8.38 8.66
N GLU B 237 -20.25 7.31 8.03
CA GLU B 237 -19.77 5.96 8.31
C GLU B 237 -19.25 5.21 7.08
N LYS B 238 -19.40 5.77 5.89
N LYS B 238 -19.40 5.77 5.89
CA LYS B 238 -19.09 5.01 4.68
CA LYS B 238 -19.13 5.03 4.66
C LYS B 238 -18.17 5.74 3.72
C LYS B 238 -18.17 5.74 3.72
N TYR B 239 -18.30 7.06 3.58
CA TYR B 239 -17.61 7.79 2.53
C TYR B 239 -16.55 8.72 3.11
N CYS B 240 -15.54 9.00 2.29
CA CYS B 240 -14.60 10.09 2.58
C CYS B 240 -15.22 11.41 2.14
N ILE B 241 -15.63 12.21 3.10
CA ILE B 241 -16.33 13.47 2.86
C ILE B 241 -15.38 14.62 3.13
N PHE B 242 -15.28 15.56 2.21
CA PHE B 242 -14.45 16.75 2.42
C PHE B 242 -15.00 17.56 3.58
N ALA B 243 -14.08 18.20 4.32
CA ALA B 243 -14.44 19.17 5.34
C ALA B 243 -13.59 20.41 5.15
N ASN B 244 -14.05 21.54 5.70
CA ASN B 244 -13.44 22.83 5.41
C ASN B 244 -13.42 23.72 6.65
N PHE B 245 -12.41 24.58 6.69
CA PHE B 245 -12.38 25.75 7.54
C PHE B 245 -12.98 26.92 6.77
N SER B 246 -14.09 27.45 7.26
CA SER B 246 -14.65 28.69 6.70
C SER B 246 -14.13 29.86 7.50
N VAL B 247 -13.46 30.79 6.84
CA VAL B 247 -12.73 31.87 7.51
C VAL B 247 -13.04 33.25 6.95
N THR B 248 -13.90 33.38 5.95
CA THR B 248 -14.16 34.71 5.38
C THR B 248 -15.05 35.55 6.29
N GLY B 249 -16.00 34.91 6.98
CA GLY B 249 -16.82 35.57 7.97
C GLY B 249 -16.56 34.99 9.35
N GLY B 250 -17.58 34.46 10.00
CA GLY B 250 -17.36 33.73 11.24
C GLY B 250 -16.54 32.47 11.03
N LYS B 251 -15.89 32.03 12.11
CA LYS B 251 -14.98 30.89 12.02
C LYS B 251 -15.78 29.60 12.17
N TRP B 252 -16.06 28.95 11.05
CA TRP B 252 -16.85 27.73 11.05
C TRP B 252 -16.05 26.53 10.56
N ILE B 253 -16.57 25.36 10.90
CA ILE B 253 -16.22 24.08 10.26
C ILE B 253 -17.38 23.69 9.37
N VAL B 254 -17.09 23.31 8.12
CA VAL B 254 -18.11 22.92 7.16
C VAL B 254 -17.84 21.49 6.68
N SER B 255 -18.89 20.67 6.63
CA SER B 255 -18.74 19.32 6.10
C SER B 255 -20.02 18.87 5.42
N GLY B 256 -19.88 17.99 4.43
CA GLY B 256 -21.00 17.25 3.91
C GLY B 256 -21.39 16.11 4.85
N SER B 257 -22.42 15.36 4.45
CA SER B 257 -22.98 14.34 5.34
C SER B 257 -23.72 13.29 4.53
N GLU B 258 -23.77 12.07 5.08
CA GLU B 258 -24.50 10.98 4.45
C GLU B 258 -26.01 11.05 4.66
N ASP B 259 -26.50 12.07 5.38
CA ASP B 259 -27.92 12.35 5.46
C ASP B 259 -28.34 13.48 4.53
N ASN B 260 -27.51 13.78 3.52
CA ASN B 260 -27.81 14.73 2.45
C ASN B 260 -27.80 16.18 2.90
N LEU B 261 -27.22 16.49 4.06
CA LEU B 261 -27.15 17.86 4.56
C LEU B 261 -25.71 18.36 4.56
N VAL B 262 -25.57 19.69 4.47
CA VAL B 262 -24.31 20.36 4.77
C VAL B 262 -24.35 20.82 6.21
N TYR B 263 -23.36 20.43 7.00
CA TYR B 263 -23.28 20.82 8.40
C TYR B 263 -22.27 21.94 8.57
N ILE B 264 -22.62 22.91 9.39
CA ILE B 264 -21.76 24.02 9.73
C ILE B 264 -21.71 24.14 11.24
N TRP B 265 -20.51 24.06 11.81
CA TRP B 265 -20.33 24.15 13.24
C TRP B 265 -19.58 25.42 13.58
N ASN B 266 -19.88 25.96 14.76
CA ASN B 266 -19.01 26.95 15.36
C ASN B 266 -17.71 26.28 15.77
N LEU B 267 -16.59 26.76 15.23
CA LEU B 267 -15.29 26.12 15.47
C LEU B 267 -14.94 26.10 16.96
N GLN B 268 -15.21 27.19 17.67
CA GLN B 268 -14.80 27.27 19.07
C GLN B 268 -15.77 26.55 19.99
N THR B 269 -17.08 26.72 19.78
CA THR B 269 -18.06 26.16 20.71
C THR B 269 -18.45 24.74 20.36
N LYS B 270 -18.19 24.29 19.12
CA LYS B 270 -18.55 22.97 18.59
C LYS B 270 -20.05 22.82 18.39
N GLU B 271 -20.82 23.89 18.58
CA GLU B 271 -22.25 23.85 18.34
C GLU B 271 -22.54 23.86 16.84
N ILE B 272 -23.56 23.10 16.43
CA ILE B 272 -24.07 23.23 15.07
C ILE B 272 -24.75 24.59 14.93
N VAL B 273 -24.41 25.32 13.86
CA VAL B 273 -25.02 26.62 13.63
C VAL B 273 -25.92 26.64 12.41
N GLN B 274 -25.77 25.71 11.47
CA GLN B 274 -26.68 25.61 10.33
C GLN B 274 -26.59 24.21 9.75
N LYS B 275 -27.70 23.80 9.13
CA LYS B 275 -27.77 22.55 8.37
C LYS B 275 -28.45 22.86 7.05
N LEU B 276 -27.69 22.83 5.96
CA LEU B 276 -28.19 23.30 4.67
C LEU B 276 -28.94 22.17 3.97
N GLN B 277 -30.24 22.38 3.75
CA GLN B 277 -31.11 21.38 3.15
C GLN B 277 -31.27 21.62 1.65
N GLY B 278 -31.36 20.54 0.89
CA GLY B 278 -31.57 20.67 -0.54
C GLY B 278 -31.11 19.50 -1.38
N HIS B 279 -29.96 18.92 -1.04
CA HIS B 279 -29.42 17.82 -1.83
C HIS B 279 -30.23 16.55 -1.60
N THR B 280 -30.21 15.66 -2.60
CA THR B 280 -30.99 14.42 -2.56
C THR B 280 -30.11 13.18 -2.53
N ASP B 281 -28.80 13.32 -2.28
CA ASP B 281 -27.90 12.21 -2.06
C ASP B 281 -26.79 12.70 -1.14
N VAL B 282 -25.89 11.80 -0.78
CA VAL B 282 -24.79 12.13 0.11
C VAL B 282 -24.04 13.35 -0.40
N VAL B 283 -23.85 14.33 0.48
CA VAL B 283 -23.04 15.49 0.16
C VAL B 283 -21.59 15.07 0.39
N ILE B 284 -20.88 14.79 -0.70
CA ILE B 284 -19.56 14.20 -0.64
C ILE B 284 -18.48 15.27 -0.57
N SER B 285 -18.79 16.48 -1.02
CA SER B 285 -17.76 17.50 -1.11
C SER B 285 -18.36 18.87 -0.87
N THR B 286 -17.64 19.67 -0.09
CA THR B 286 -17.97 21.06 0.15
C THR B 286 -16.70 21.88 -0.06
N ALA B 287 -16.89 23.16 -0.41
CA ALA B 287 -15.76 24.05 -0.60
C ALA B 287 -16.17 25.44 -0.17
N CYS B 288 -15.22 26.19 0.38
CA CYS B 288 -15.46 27.57 0.79
C CYS B 288 -14.73 28.54 -0.13
N HIS B 289 -15.42 29.59 -0.54
CA HIS B 289 -14.85 30.59 -1.42
C HIS B 289 -13.70 31.32 -0.73
N PRO B 290 -12.65 31.70 -1.45
CA PRO B 290 -11.47 32.27 -0.79
C PRO B 290 -11.68 33.67 -0.22
N THR B 291 -12.69 34.43 -0.64
CA THR B 291 -12.84 35.78 -0.10
C THR B 291 -14.26 36.12 0.35
N GLU B 292 -15.27 35.48 -0.25
CA GLU B 292 -16.66 35.74 0.06
C GLU B 292 -17.25 34.60 0.87
N ASN B 293 -18.36 34.91 1.57
CA ASN B 293 -19.09 33.91 2.35
C ASN B 293 -19.96 33.06 1.43
N ILE B 294 -19.28 32.22 0.64
CA ILE B 294 -19.90 31.37 -0.36
C ILE B 294 -19.44 29.93 -0.15
N ILE B 295 -20.38 28.99 -0.17
CA ILE B 295 -20.09 27.56 -0.07
C ILE B 295 -20.60 26.86 -1.32
N ALA B 296 -19.78 25.97 -1.87
CA ALA B 296 -20.22 25.03 -2.90
C ALA B 296 -20.33 23.65 -2.26
N SER B 297 -21.38 22.93 -2.64
CA SER B 297 -21.59 21.56 -2.17
C SER B 297 -21.96 20.69 -3.35
N ALA B 298 -21.59 19.41 -3.28
CA ALA B 298 -21.85 18.49 -4.37
C ALA B 298 -22.24 17.14 -3.81
N ALA B 299 -23.04 16.40 -4.59
CA ALA B 299 -23.63 15.18 -4.08
C ALA B 299 -23.47 14.02 -5.06
N LEU B 300 -23.78 12.83 -4.56
CA LEU B 300 -23.57 11.59 -5.29
C LEU B 300 -24.69 11.32 -6.30
N GLU B 301 -24.79 10.07 -6.78
CA GLU B 301 -25.42 9.82 -8.08
C GLU B 301 -26.94 9.92 -8.07
N ASN B 302 -27.59 9.90 -6.91
CA ASN B 302 -29.03 10.17 -6.88
C ASN B 302 -29.32 11.64 -7.14
N ASP B 303 -28.32 12.49 -6.97
CA ASP B 303 -28.42 13.94 -7.05
C ASP B 303 -27.67 14.49 -8.25
N LYS B 304 -26.34 14.35 -8.25
CA LYS B 304 -25.42 14.75 -9.32
C LYS B 304 -25.33 16.25 -9.52
N THR B 305 -25.85 17.06 -8.61
CA THR B 305 -25.77 18.51 -8.80
C THR B 305 -24.77 19.14 -7.85
N ILE B 306 -24.44 20.39 -8.16
CA ILE B 306 -23.65 21.27 -7.31
C ILE B 306 -24.53 22.42 -6.90
N LYS B 307 -24.47 22.79 -5.62
CA LYS B 307 -25.25 23.90 -5.10
C LYS B 307 -24.31 24.96 -4.55
N LEU B 308 -24.64 26.23 -4.81
CA LEU B 308 -23.89 27.38 -4.30
C LEU B 308 -24.74 28.11 -3.27
N TRP B 309 -24.15 28.39 -2.11
CA TRP B 309 -24.87 29.01 -0.99
C TRP B 309 -24.17 30.31 -0.61
N LYS B 310 -24.95 31.30 -0.18
CA LYS B 310 -24.41 32.58 0.20
C LYS B 310 -24.92 32.98 1.59
N SER B 311 -24.04 33.56 2.40
CA SER B 311 -24.37 34.01 3.74
C SER B 311 -23.91 35.45 3.95
N ASP B 312 -24.58 36.14 4.86
CA ASP B 312 -24.19 37.50 5.21
C ASP B 312 -23.01 37.55 6.17
N CYS B 313 -22.62 36.42 6.75
CA CYS B 313 -21.55 36.38 7.73
C CYS B 313 -20.93 34.98 7.81
N1 HLJ C . 9.47 -5.68 -0.60
N3 HLJ C . 9.16 -12.23 0.26
C4 HLJ C . 12.05 -5.56 0.78
C5 HLJ C . 13.34 -5.84 1.19
C6 HLJ C . 14.42 -5.48 0.39
C7 HLJ C . 14.21 -4.85 -0.81
C8 HLJ C . 12.92 -4.57 -1.21
C10 HLJ C . 7.46 -7.58 0.01
C13 HLJ C . 4.13 -8.22 0.81
C15 HLJ C . 3.28 -7.75 2.88
C17 HLJ C . 5.60 -8.04 2.69
C20 HLJ C . 8.40 -11.66 -0.87
C21 HLJ C . 10.40 -12.74 0.23
C22 HLJ C . 11.89 -13.97 1.87
C24 HLJ C . 8.68 -12.34 1.55
C1 HLJ C . 9.49 -6.82 -1.28
C11 HLJ C . 6.60 -8.57 0.46
C12 HLJ C . 5.43 -8.26 1.32
C14 HLJ C . 3.83 -8.44 -0.65
C16 HLJ C . 4.52 -7.77 3.50
C18 HLJ C . 6.93 -9.90 0.19
C19 HLJ C . 8.05 -10.23 -0.58
C2 HLJ C . 10.42 -4.61 -0.89
C23 HLJ C . 9.62 -12.94 2.30
C25 HLJ C . 8.87 -9.21 -1.05
C3 HLJ C . 11.83 -4.93 -0.43
C9 HLJ C . 8.57 -7.88 -0.79
F1 HLJ C . 2.19 -7.49 3.62
N2 HLJ C . 3.08 -7.95 1.61
N4 HLJ C . 10.68 -13.24 1.49
N5 HLJ C . 11.20 -12.80 -0.81
O1 HLJ C . 10.24 -7.01 -2.23
CL1 HLJ C . 13.61 -6.65 2.70
CL2 HLJ C . 16.04 -5.83 0.90
N1 HLJ D . -15.27 6.24 -1.79
N3 HLJ D . -13.26 12.54 -2.31
C4 HLJ D . -12.72 5.46 -0.38
C5 HLJ D . -11.65 5.48 0.50
C6 HLJ D . -11.85 5.22 1.84
C7 HLJ D . -13.11 4.95 2.32
C8 HLJ D . -14.17 4.94 1.44
C10 HLJ D . -15.44 8.32 -3.74
C13 HLJ D . -16.41 9.34 -6.95
C15 HLJ D . -15.25 8.71 -8.81
C17 HLJ D . -14.12 8.65 -6.76
C20 HLJ D . -14.71 12.32 -2.35
C21 HLJ D . -12.50 12.83 -1.24
C22 HLJ D . -10.07 13.54 -0.92
C24 HLJ D . -12.41 12.46 -3.41
C1 HLJ D . -15.55 7.48 -1.37
C11 HLJ D . -15.29 9.34 -4.68
C12 HLJ D . -15.29 9.08 -6.14
C14 HLJ D . -17.71 9.84 -6.39
C16 HLJ D . -14.08 8.45 -8.12
C18 HLJ D . -15.05 10.63 -4.19
C19 HLJ D . -15.00 10.92 -2.83
C2 HLJ D . -15.18 5.13 -0.84
C23 HLJ D . -11.19 12.84 -3.04
C25 HLJ D . -15.16 9.88 -1.91
C3 HLJ D . -13.99 5.19 0.09
C9 HLJ D . -15.42 8.59 -2.37
F1 HLJ D . -15.24 8.53 -10.15
N2 HLJ D . -16.36 9.14 -8.27
N4 HLJ D . -11.19 12.98 -1.68
N5 HLJ D . -12.92 12.94 0.01
O1 HLJ D . -15.83 7.72 -0.20
CL1 HLJ D . -10.06 5.82 -0.06
CL2 HLJ D . -10.51 5.27 2.94
N1 EPE E . -12.81 0.94 0.46
C2 EPE E . -11.51 0.76 1.12
C3 EPE E . -11.09 -0.72 1.14
N4 EPE E . -11.43 -1.47 -0.06
C5 EPE E . -12.63 -1.13 -0.81
C6 EPE E . -12.83 0.38 -0.90
C7 EPE E . -10.94 -2.84 -0.16
C8 EPE E . -11.48 -3.58 -1.38
O8 EPE E . -10.79 -4.81 -1.48
C9 EPE E . -13.88 0.36 1.29
C10 EPE E . -14.96 1.41 1.50
S EPE E . -16.00 1.09 2.96
O1S EPE E . -15.76 -0.28 3.43
O2S EPE E . -17.40 1.26 2.60
O3S EPE E . -15.63 2.03 4.02
#